data_7BSJ
#
_entry.id   7BSJ
#
_cell.length_a   204.508
_cell.length_b   58.443
_cell.length_c   141.820
_cell.angle_alpha   90.000
_cell.angle_beta   129.640
_cell.angle_gamma   90.000
#
_symmetry.space_group_name_H-M   'C 1 2 1'
#
loop_
_entity.id
_entity.type
_entity.pdbx_description
1 polymer 'NAD-dependent malic enzyme, mitochondrial'
2 non-polymer NICOTINAMIDE-ADENINE-DINUCLEOTIDE
3 non-polymer 'MAGNESIUM ION'
4 non-polymer 'FUMARIC ACID'
5 non-polymer TARTRONATE
6 water water
#
_entity_poly.entity_id   1
_entity_poly.type   'polypeptide(L)'
_entity_poly.pdbx_seq_one_letter_code
;MHIKEKGKPLMLNPRTNKGMAFTLQERQMLGLQGLLPPKIETQDIQALRFHRNLKKMTSPLEKYIYIMGIQERNEKLFYR
ILQDDIESLMPIVYTPTVGLACSQYGHIFRRPKGLFISISDRGHVRSIVDNWPENHVKAVVVTDGERILGLGDLGVYGMG
IPVGKLCLYTACAGIRPDRCLPVCIDVGTDNIALLKDPFYMGLYQKRDRTQQYDDLIDEFMKAITDRYGRNTLIQFEDFG
NHNAFRFLRKYREKYCTFNDDIQGTAAVALAGLLAAQKVISKPISEHKILFLGAGEAALGIANLIVMSMVENGLSEQEAQ
KKIWMFDKYGLLVKGRKAKIDSYQEPFTHSAPESIPDTFEDAVNILKPSTIIGVAGAGRLFTPDVIRAMASINERPVIFA
LSNPTAQAECTAEEAYTLTEGRCLFASGSPFGPVKLTDGRVFTPGQGNNVYIFPGVALAVILCNTWHISDSVFLEAAKAL
TSQLTDEELAQGRLYPPLANIQEVSINIAIKVTEYLYANKMAFRYPEPEDKAKYVKERTWRSEYDSLLPDVYEWPESASS
PPVITE
;
_entity_poly.pdbx_strand_id   A,B
#
loop_
_chem_comp.id
_chem_comp.type
_chem_comp.name
_chem_comp.formula
FUM non-polymer 'FUMARIC ACID' 'C4 H4 O4'
MG non-polymer 'MAGNESIUM ION' 'Mg 2'
NAD non-polymer NICOTINAMIDE-ADENINE-DINUCLEOTIDE 'C21 H27 N7 O14 P2'
TTN non-polymer TARTRONATE 'C3 H2 O5 -2'
#
# COMPACT_ATOMS: atom_id res chain seq x y z
N HIS A 2 18.67 -16.22 -14.85
CA HIS A 2 17.89 -16.15 -16.13
C HIS A 2 16.41 -15.84 -15.85
N ILE A 3 15.84 -14.91 -16.64
CA ILE A 3 14.37 -14.59 -16.68
C ILE A 3 13.92 -14.59 -18.16
N LYS A 4 12.67 -14.99 -18.41
CA LYS A 4 12.10 -15.13 -19.78
C LYS A 4 11.59 -13.77 -20.28
N GLU A 5 11.26 -12.86 -19.37
CA GLU A 5 10.63 -11.54 -19.65
C GLU A 5 11.62 -10.41 -19.34
N LYS A 6 11.52 -9.28 -20.05
CA LYS A 6 12.27 -8.03 -19.74
C LYS A 6 11.29 -6.84 -19.76
N GLY A 7 11.80 -5.62 -19.56
CA GLY A 7 10.99 -4.39 -19.54
C GLY A 7 10.12 -4.30 -18.30
N LYS A 8 9.09 -3.45 -18.36
CA LYS A 8 8.20 -3.08 -17.21
C LYS A 8 7.71 -4.33 -16.47
N PRO A 9 7.31 -5.42 -17.17
CA PRO A 9 6.89 -6.66 -16.50
C PRO A 9 7.79 -7.19 -15.37
N LEU A 10 9.09 -6.90 -15.38
CA LEU A 10 10.05 -7.34 -14.33
C LEU A 10 9.79 -6.57 -13.03
N MET A 11 9.22 -5.37 -13.12
CA MET A 11 8.86 -4.51 -11.95
C MET A 11 7.43 -4.79 -11.48
N LEU A 12 6.53 -5.14 -12.39
CA LEU A 12 5.10 -5.44 -12.10
C LEU A 12 4.96 -6.81 -11.41
N ASN A 13 5.98 -7.67 -11.55
CA ASN A 13 6.03 -9.02 -10.92
C ASN A 13 6.81 -8.93 -9.62
N PRO A 14 6.17 -9.11 -8.44
CA PRO A 14 6.87 -8.97 -7.16
C PRO A 14 7.92 -10.07 -6.93
N ARG A 15 7.80 -11.20 -7.62
CA ARG A 15 8.79 -12.32 -7.58
C ARG A 15 10.14 -11.81 -8.09
N THR A 16 10.16 -10.89 -9.07
CA THR A 16 11.39 -10.40 -9.76
C THR A 16 11.72 -8.94 -9.44
N ASN A 17 10.78 -8.15 -8.91
CA ASN A 17 10.98 -6.69 -8.72
C ASN A 17 12.02 -6.48 -7.63
N LYS A 18 13.09 -5.73 -7.94
CA LYS A 18 14.16 -5.35 -6.98
C LYS A 18 14.01 -3.88 -6.59
N GLY A 19 13.09 -3.15 -7.23
CA GLY A 19 12.99 -1.69 -7.08
C GLY A 19 14.29 -1.03 -7.48
N MET A 20 14.85 -0.14 -6.65
CA MET A 20 16.11 0.58 -6.96
C MET A 20 17.35 -0.30 -6.72
N ALA A 21 17.19 -1.55 -6.27
CA ALA A 21 18.30 -2.53 -6.15
C ALA A 21 18.59 -3.21 -7.49
N PHE A 22 17.83 -2.91 -8.55
CA PHE A 22 18.20 -3.25 -9.95
C PHE A 22 19.50 -2.51 -10.30
N THR A 23 20.57 -3.25 -10.58
CA THR A 23 21.92 -2.68 -10.88
C THR A 23 21.84 -1.88 -12.18
N LEU A 24 22.80 -0.99 -12.40
CA LEU A 24 22.89 -0.16 -13.63
C LEU A 24 22.85 -1.08 -14.86
N GLN A 25 23.77 -2.04 -14.91
CA GLN A 25 23.87 -3.07 -15.97
C GLN A 25 22.51 -3.74 -16.19
N GLU A 26 21.84 -4.12 -15.10
CA GLU A 26 20.54 -4.84 -15.17
C GLU A 26 19.50 -3.93 -15.84
N ARG A 27 19.42 -2.68 -15.40
CA ARG A 27 18.50 -1.65 -15.95
C ARG A 27 18.70 -1.48 -17.45
N GLN A 28 19.95 -1.43 -17.90
CA GLN A 28 20.32 -1.10 -19.31
C GLN A 28 20.04 -2.31 -20.21
N MET A 29 20.44 -3.50 -19.78
CA MET A 29 20.33 -4.75 -20.60
C MET A 29 18.86 -5.20 -20.66
N LEU A 30 18.11 -5.02 -19.57
CA LEU A 30 16.73 -5.52 -19.42
C LEU A 30 15.70 -4.41 -19.66
N GLY A 31 16.12 -3.26 -20.19
CA GLY A 31 15.21 -2.18 -20.62
C GLY A 31 14.47 -1.51 -19.47
N LEU A 32 15.11 -1.41 -18.29
CA LEU A 32 14.53 -0.72 -17.11
C LEU A 32 15.09 0.71 -16.99
N GLN A 33 16.13 1.06 -17.75
CA GLN A 33 16.77 2.40 -17.63
C GLN A 33 15.69 3.47 -17.81
N GLY A 34 15.60 4.42 -16.88
CA GLY A 34 14.65 5.53 -16.94
C GLY A 34 13.35 5.20 -16.22
N LEU A 35 12.98 3.93 -16.12
CA LEU A 35 11.73 3.49 -15.45
C LEU A 35 11.95 3.51 -13.93
N LEU A 36 13.22 3.49 -13.51
CA LEU A 36 13.64 3.58 -12.09
C LEU A 36 14.37 4.90 -11.85
N PRO A 37 14.33 5.45 -10.62
CA PRO A 37 15.15 6.60 -10.28
C PRO A 37 16.64 6.31 -10.46
N PRO A 38 17.47 7.33 -10.81
CA PRO A 38 18.89 7.10 -11.10
C PRO A 38 19.64 6.44 -9.93
N LYS A 39 19.12 6.63 -8.72
CA LYS A 39 19.59 5.98 -7.46
C LYS A 39 19.66 4.45 -7.60
N ILE A 40 20.80 3.86 -7.26
CA ILE A 40 20.98 2.39 -7.10
C ILE A 40 21.14 2.08 -5.61
N GLU A 41 20.35 1.13 -5.10
CA GLU A 41 20.22 0.85 -3.65
C GLU A 41 20.65 -0.58 -3.35
N THR A 42 21.00 -0.84 -2.09
CA THR A 42 21.16 -2.21 -1.52
C THR A 42 19.86 -2.60 -0.82
N GLN A 43 19.64 -3.89 -0.63
CA GLN A 43 18.51 -4.43 0.16
C GLN A 43 18.61 -3.82 1.57
N ASP A 44 19.82 -3.63 2.09
CA ASP A 44 20.09 -3.00 3.43
C ASP A 44 19.39 -1.64 3.52
N ILE A 45 19.48 -0.82 2.46
CA ILE A 45 18.85 0.53 2.40
C ILE A 45 17.33 0.38 2.34
N GLN A 46 16.82 -0.53 1.50
CA GLN A 46 15.38 -0.86 1.37
C GLN A 46 14.83 -1.33 2.72
N ALA A 47 15.52 -2.29 3.33
CA ALA A 47 15.22 -2.84 4.66
C ALA A 47 15.12 -1.68 5.67
N LEU A 48 16.07 -0.75 5.61
CA LEU A 48 16.16 0.39 6.57
C LEU A 48 14.97 1.33 6.34
N ARG A 49 14.60 1.57 5.08
CA ARG A 49 13.42 2.40 4.70
C ARG A 49 12.18 1.78 5.35
N PHE A 50 12.02 0.46 5.26
CA PHE A 50 10.85 -0.26 5.83
C PHE A 50 10.76 0.00 7.35
N HIS A 51 11.85 -0.20 8.08
CA HIS A 51 11.86 -0.18 9.57
C HIS A 51 11.53 1.23 10.08
N ARG A 52 12.07 2.27 9.44
CA ARG A 52 11.79 3.68 9.81
C ARG A 52 10.30 3.97 9.58
N ASN A 53 9.72 3.44 8.51
CA ASN A 53 8.26 3.62 8.21
C ASN A 53 7.43 2.94 9.30
N LEU A 54 7.84 1.74 9.74
CA LEU A 54 7.08 0.88 10.70
C LEU A 54 7.11 1.48 12.11
N LYS A 55 8.20 2.15 12.52
CA LYS A 55 8.44 2.74 13.91
C LYS A 55 7.60 3.98 14.20
N LYS A 56 6.85 3.16 13.35
CA LYS A 56 6.43 4.65 13.47
C LYS A 56 4.96 4.78 13.03
N MET A 57 4.08 3.95 12.42
CA MET A 57 2.78 3.29 12.67
C MET A 57 2.50 2.92 14.13
N THR A 58 1.20 2.91 14.44
CA THR A 58 0.65 2.65 15.78
C THR A 58 -0.11 1.33 15.78
N SER A 59 -1.20 1.24 15.02
CA SER A 59 -2.13 0.09 15.07
C SER A 59 -1.45 -1.15 14.44
N PRO A 60 -1.55 -2.34 15.08
CA PRO A 60 -1.04 -3.58 14.48
C PRO A 60 -1.57 -3.87 13.06
N LEU A 61 -2.84 -3.53 12.78
CA LEU A 61 -3.50 -3.82 11.48
C LEU A 61 -2.85 -2.95 10.38
N GLU A 62 -2.53 -1.69 10.69
CA GLU A 62 -1.82 -0.77 9.76
C GLU A 62 -0.46 -1.37 9.39
N LYS A 63 0.21 -2.04 10.34
CA LYS A 63 1.51 -2.71 10.11
C LYS A 63 1.31 -3.93 9.21
N TYR A 64 0.26 -4.72 9.47
CA TYR A 64 -0.12 -5.91 8.66
C TYR A 64 -0.37 -5.48 7.20
N ILE A 65 -1.14 -4.43 6.98
CA ILE A 65 -1.49 -3.98 5.59
C ILE A 65 -0.19 -3.58 4.89
N TYR A 66 0.73 -2.93 5.61
CA TYR A 66 2.03 -2.42 5.08
C TYR A 66 2.95 -3.59 4.74
N ILE A 67 3.28 -4.45 5.72
CA ILE A 67 4.26 -5.56 5.53
C ILE A 67 3.73 -6.51 4.42
N MET A 68 2.44 -6.88 4.45
CA MET A 68 1.83 -7.84 3.50
C MET A 68 1.72 -7.17 2.13
N GLY A 69 1.63 -5.85 2.09
CA GLY A 69 1.74 -5.05 0.85
C GLY A 69 3.05 -5.31 0.13
N ILE A 70 4.17 -5.40 0.88
CA ILE A 70 5.54 -5.61 0.33
C ILE A 70 5.55 -6.90 -0.51
N GLN A 71 4.88 -7.94 -0.02
CA GLN A 71 4.86 -9.30 -0.62
C GLN A 71 4.33 -9.22 -2.06
N GLU A 72 3.50 -8.20 -2.37
CA GLU A 72 2.88 -8.01 -3.70
C GLU A 72 3.63 -6.96 -4.52
N ARG A 73 4.71 -6.38 -3.98
CA ARG A 73 5.54 -5.35 -4.67
C ARG A 73 6.96 -5.89 -4.88
N ASN A 74 7.60 -6.38 -3.82
CA ASN A 74 9.01 -6.87 -3.83
C ASN A 74 9.09 -8.04 -2.86
N GLU A 75 9.03 -9.26 -3.37
CA GLU A 75 8.92 -10.49 -2.56
C GLU A 75 10.22 -10.68 -1.75
N LYS A 76 11.37 -10.58 -2.43
CA LYS A 76 12.72 -10.67 -1.80
C LYS A 76 12.78 -9.74 -0.57
N LEU A 77 12.38 -8.48 -0.73
CA LEU A 77 12.42 -7.46 0.36
C LEU A 77 11.46 -7.87 1.49
N PHE A 78 10.29 -8.40 1.13
CA PHE A 78 9.26 -8.87 2.08
C PHE A 78 9.92 -9.83 3.08
N TYR A 79 10.50 -10.92 2.57
CA TYR A 79 11.12 -11.99 3.40
C TYR A 79 12.39 -11.47 4.09
N ARG A 80 13.15 -10.56 3.46
CA ARG A 80 14.30 -9.88 4.11
C ARG A 80 13.80 -9.17 5.36
N ILE A 81 12.73 -8.38 5.22
CA ILE A 81 12.05 -7.65 6.33
C ILE A 81 11.74 -8.62 7.47
N LEU A 82 10.99 -9.69 7.19
CA LEU A 82 10.57 -10.72 8.19
C LEU A 82 11.80 -11.31 8.89
N GLN A 83 12.84 -11.62 8.12
CA GLN A 83 14.10 -12.26 8.58
C GLN A 83 14.85 -11.34 9.56
N ASP A 84 14.87 -10.03 9.29
CA ASP A 84 15.60 -9.01 10.08
C ASP A 84 15.20 -9.11 11.56
N ASP A 85 13.92 -9.33 11.86
CA ASP A 85 13.40 -9.38 13.26
C ASP A 85 12.05 -10.10 13.29
N ILE A 86 12.07 -11.43 13.16
CA ILE A 86 10.87 -12.31 13.08
C ILE A 86 10.04 -12.22 14.37
N GLU A 87 10.68 -12.06 15.53
CA GLU A 87 9.98 -12.02 16.84
C GLU A 87 9.10 -10.77 16.89
N SER A 88 9.65 -9.60 16.53
CA SER A 88 8.92 -8.31 16.44
C SER A 88 7.65 -8.46 15.59
N LEU A 89 7.77 -9.10 14.41
CA LEU A 89 6.77 -9.01 13.31
C LEU A 89 5.84 -10.23 13.31
N MET A 90 6.15 -11.27 14.10
CA MET A 90 5.32 -12.50 14.19
C MET A 90 3.94 -12.15 14.71
N PRO A 91 3.79 -11.33 15.77
CA PRO A 91 2.47 -10.87 16.22
C PRO A 91 1.66 -10.15 15.13
N ILE A 92 2.33 -9.55 14.14
CA ILE A 92 1.70 -8.69 13.09
C ILE A 92 1.23 -9.55 11.92
N VAL A 93 2.10 -10.43 11.43
CA VAL A 93 1.83 -11.28 10.23
C VAL A 93 1.10 -12.56 10.66
N TYR A 94 1.32 -13.00 11.89
CA TYR A 94 0.74 -14.24 12.48
C TYR A 94 -0.17 -13.85 13.66
N THR A 95 -0.56 -14.82 14.48
CA THR A 95 -1.41 -14.61 15.69
C THR A 95 -0.77 -13.53 16.57
N PRO A 96 -1.52 -12.52 17.07
CA PRO A 96 -2.96 -12.40 16.85
C PRO A 96 -3.45 -11.55 15.66
N THR A 97 -2.60 -10.67 15.13
CA THR A 97 -3.01 -9.61 14.18
C THR A 97 -3.60 -10.22 12.89
N VAL A 98 -3.18 -11.43 12.51
CA VAL A 98 -3.78 -12.18 11.35
C VAL A 98 -5.27 -12.42 11.61
N GLY A 99 -5.67 -12.72 12.86
CA GLY A 99 -7.07 -12.87 13.25
C GLY A 99 -7.85 -11.59 13.01
N LEU A 100 -7.32 -10.48 13.52
CA LEU A 100 -7.91 -9.12 13.32
C LEU A 100 -8.07 -8.91 11.81
N ALA A 101 -7.06 -9.29 11.02
CA ALA A 101 -6.97 -9.08 9.56
C ALA A 101 -8.05 -9.91 8.86
N CYS A 102 -8.20 -11.19 9.23
CA CYS A 102 -9.21 -12.12 8.66
C CYS A 102 -10.62 -11.64 9.03
N SER A 103 -10.80 -11.09 10.23
CA SER A 103 -12.11 -10.59 10.74
C SER A 103 -12.63 -9.46 9.85
N GLN A 104 -11.75 -8.72 9.18
CA GLN A 104 -12.14 -7.69 8.17
C GLN A 104 -11.27 -7.80 6.90
N TYR A 105 -10.95 -9.02 6.47
CA TYR A 105 -10.10 -9.31 5.28
C TYR A 105 -10.63 -8.52 4.07
N GLY A 106 -11.95 -8.44 3.95
CA GLY A 106 -12.64 -7.81 2.80
C GLY A 106 -12.63 -6.29 2.87
N HIS A 107 -12.45 -5.70 4.05
CA HIS A 107 -12.42 -4.22 4.25
C HIS A 107 -11.05 -3.66 3.86
N ILE A 108 -10.01 -4.52 3.90
CA ILE A 108 -8.57 -4.14 3.68
C ILE A 108 -8.07 -4.74 2.36
N PHE A 109 -8.94 -5.41 1.59
CA PHE A 109 -8.56 -6.09 0.32
C PHE A 109 -7.97 -5.08 -0.66
N ARG A 110 -6.82 -5.43 -1.24
CA ARG A 110 -6.15 -4.70 -2.36
C ARG A 110 -5.92 -5.66 -3.52
N ARG A 111 -5.32 -6.82 -3.24
CA ARG A 111 -5.07 -7.89 -4.24
C ARG A 111 -5.40 -9.25 -3.63
N PRO A 112 -5.80 -10.24 -4.46
CA PRO A 112 -5.89 -11.63 -4.02
C PRO A 112 -4.50 -12.22 -3.75
N LYS A 113 -4.41 -13.22 -2.87
CA LYS A 113 -3.11 -13.74 -2.40
C LYS A 113 -3.12 -15.27 -2.36
N GLY A 114 -3.86 -15.91 -3.27
CA GLY A 114 -3.93 -17.39 -3.33
C GLY A 114 -4.93 -17.87 -4.36
N LEU A 115 -5.28 -19.15 -4.27
CA LEU A 115 -6.22 -19.84 -5.19
C LEU A 115 -7.56 -20.04 -4.47
N PHE A 116 -8.65 -19.63 -5.11
CA PHE A 116 -10.04 -19.68 -4.58
C PHE A 116 -10.82 -20.72 -5.39
N ILE A 117 -11.26 -21.78 -4.69
CA ILE A 117 -12.08 -22.88 -5.29
C ILE A 117 -13.42 -22.90 -4.58
N SER A 118 -14.46 -22.40 -5.24
CA SER A 118 -15.84 -22.28 -4.69
C SER A 118 -16.61 -23.57 -5.02
N ILE A 119 -17.80 -23.73 -4.41
CA ILE A 119 -18.71 -24.90 -4.63
C ILE A 119 -19.39 -24.75 -5.99
N SER A 120 -19.44 -23.54 -6.54
CA SER A 120 -19.92 -23.24 -7.91
C SER A 120 -18.89 -23.71 -8.94
N ASP A 121 -17.61 -23.80 -8.55
CA ASP A 121 -16.45 -24.07 -9.44
C ASP A 121 -16.27 -25.59 -9.57
N ARG A 122 -17.38 -26.32 -9.50
CA ARG A 122 -17.46 -27.76 -9.16
C ARG A 122 -17.46 -28.58 -10.45
N GLY A 123 -16.56 -29.58 -10.55
CA GLY A 123 -16.32 -30.36 -11.78
C GLY A 123 -15.33 -29.66 -12.70
N HIS A 124 -14.86 -28.46 -12.33
CA HIS A 124 -13.95 -27.60 -13.12
C HIS A 124 -12.77 -27.14 -12.26
N VAL A 125 -12.49 -27.86 -11.18
CA VAL A 125 -11.40 -27.49 -10.21
C VAL A 125 -10.06 -27.58 -10.94
N ARG A 126 -9.94 -28.50 -11.91
CA ARG A 126 -8.68 -28.75 -12.65
C ARG A 126 -8.26 -27.45 -13.36
N SER A 127 -9.15 -26.87 -14.15
CA SER A 127 -8.91 -25.66 -14.98
C SER A 127 -8.50 -24.48 -14.09
N ILE A 128 -9.06 -24.39 -12.89
CA ILE A 128 -8.72 -23.34 -11.88
C ILE A 128 -7.28 -23.57 -11.37
N VAL A 129 -6.92 -24.82 -11.08
CA VAL A 129 -5.54 -25.20 -10.62
C VAL A 129 -4.55 -24.91 -11.76
N ASP A 130 -4.98 -25.04 -13.02
CA ASP A 130 -4.13 -24.77 -14.21
C ASP A 130 -4.01 -23.26 -14.45
N ASN A 131 -4.77 -22.43 -13.73
CA ASN A 131 -4.72 -20.95 -13.86
C ASN A 131 -3.65 -20.38 -12.92
N TRP A 132 -3.17 -21.17 -11.95
CA TRP A 132 -2.04 -20.77 -11.05
C TRP A 132 -0.77 -20.68 -11.90
N PRO A 133 -0.07 -19.52 -11.92
CA PRO A 133 1.02 -19.30 -12.86
C PRO A 133 2.32 -20.06 -12.56
N GLU A 134 2.46 -20.61 -11.34
CA GLU A 134 3.68 -21.35 -10.92
C GLU A 134 3.52 -22.84 -11.28
N ASN A 135 4.59 -23.45 -11.81
CA ASN A 135 4.56 -24.80 -12.41
C ASN A 135 5.04 -25.88 -11.42
N HIS A 136 5.84 -25.51 -10.40
CA HIS A 136 6.53 -26.50 -9.51
C HIS A 136 6.06 -26.38 -8.05
N VAL A 137 4.76 -26.22 -7.80
CA VAL A 137 4.20 -26.13 -6.41
C VAL A 137 4.55 -27.43 -5.66
N LYS A 138 5.10 -27.31 -4.45
CA LYS A 138 5.47 -28.45 -3.58
C LYS A 138 4.67 -28.44 -2.28
N ALA A 139 4.06 -27.31 -1.91
CA ALA A 139 3.43 -27.09 -0.59
C ALA A 139 2.12 -26.31 -0.74
N VAL A 140 1.01 -26.96 -0.39
CA VAL A 140 -0.34 -26.33 -0.31
C VAL A 140 -0.72 -26.23 1.17
N VAL A 141 -1.16 -25.04 1.62
CA VAL A 141 -1.93 -24.86 2.89
C VAL A 141 -3.35 -24.46 2.49
N VAL A 142 -4.33 -25.25 2.93
CA VAL A 142 -5.76 -25.13 2.50
C VAL A 142 -6.62 -24.94 3.76
N THR A 143 -7.69 -24.14 3.62
CA THR A 143 -8.75 -23.92 4.65
C THR A 143 -10.11 -23.79 3.97
N ASP A 144 -11.19 -24.04 4.71
CA ASP A 144 -12.58 -23.73 4.28
C ASP A 144 -13.14 -22.59 5.12
N GLY A 145 -12.37 -22.11 6.11
CA GLY A 145 -12.65 -20.90 6.89
C GLY A 145 -13.60 -21.13 8.05
N GLU A 146 -13.92 -22.40 8.37
CA GLU A 146 -14.97 -22.76 9.35
C GLU A 146 -14.45 -22.58 10.77
N ARG A 147 -13.13 -22.69 10.98
CA ARG A 147 -12.49 -22.64 12.31
C ARG A 147 -11.23 -21.75 12.28
N ILE A 148 -11.37 -20.49 11.89
CA ILE A 148 -10.22 -19.53 11.87
C ILE A 148 -9.87 -19.13 13.31
N LEU A 149 -8.77 -19.67 13.83
CA LEU A 149 -8.30 -19.45 15.23
C LEU A 149 -9.44 -19.77 16.20
N GLY A 150 -9.70 -18.90 17.19
CA GLY A 150 -10.84 -19.01 18.11
C GLY A 150 -12.01 -18.15 17.66
N LEU A 151 -11.95 -17.63 16.43
CA LEU A 151 -12.93 -16.68 15.83
C LEU A 151 -13.99 -17.46 15.04
N GLY A 152 -13.90 -18.79 15.00
CA GLY A 152 -14.90 -19.66 14.34
C GLY A 152 -15.01 -19.40 12.84
N ASP A 153 -16.22 -19.53 12.29
CA ASP A 153 -16.52 -19.53 10.83
C ASP A 153 -16.35 -18.12 10.25
N LEU A 154 -15.29 -17.90 9.47
CA LEU A 154 -15.00 -16.61 8.79
C LEU A 154 -15.08 -16.77 7.27
N GLY A 155 -15.39 -17.97 6.76
CA GLY A 155 -15.47 -18.27 5.32
C GLY A 155 -14.22 -17.84 4.58
N VAL A 156 -14.40 -17.20 3.42
CA VAL A 156 -13.30 -16.77 2.50
C VAL A 156 -12.38 -15.76 3.21
N TYR A 157 -12.90 -15.01 4.19
CA TYR A 157 -12.10 -14.10 5.05
C TYR A 157 -10.97 -14.88 5.73
N GLY A 158 -11.14 -16.19 5.89
CA GLY A 158 -10.13 -17.10 6.49
C GLY A 158 -8.90 -17.32 5.62
N MET A 159 -8.96 -16.94 4.34
CA MET A 159 -7.81 -17.06 3.39
C MET A 159 -6.55 -16.46 4.01
N GLY A 160 -6.70 -15.41 4.81
CA GLY A 160 -5.59 -14.78 5.58
C GLY A 160 -4.70 -15.80 6.26
N ILE A 161 -5.26 -16.95 6.68
CA ILE A 161 -4.54 -17.97 7.50
C ILE A 161 -3.61 -18.79 6.61
N PRO A 162 -4.05 -19.41 5.50
CA PRO A 162 -3.13 -20.06 4.58
C PRO A 162 -1.98 -19.15 4.14
N VAL A 163 -2.29 -17.90 3.77
CA VAL A 163 -1.30 -16.85 3.37
C VAL A 163 -0.24 -16.71 4.48
N GLY A 164 -0.68 -16.51 5.73
CA GLY A 164 0.21 -16.38 6.89
C GLY A 164 1.08 -17.60 7.06
N LYS A 165 0.48 -18.78 7.03
CA LYS A 165 1.17 -20.09 7.22
C LYS A 165 2.33 -20.21 6.21
N LEU A 166 2.09 -19.91 4.94
CA LEU A 166 3.09 -20.14 3.85
C LEU A 166 4.17 -19.06 3.86
N CYS A 167 3.85 -17.83 4.25
CA CYS A 167 4.87 -16.80 4.55
C CYS A 167 5.89 -17.36 5.54
N LEU A 168 5.42 -18.16 6.50
CA LEU A 168 6.26 -18.75 7.59
C LEU A 168 6.98 -20.02 7.10
N TYR A 169 6.40 -20.75 6.13
CA TYR A 169 7.11 -21.82 5.37
C TYR A 169 8.45 -21.25 4.88
N THR A 170 8.40 -20.08 4.25
CA THR A 170 9.58 -19.40 3.64
C THR A 170 10.42 -18.71 4.72
N ALA A 171 9.80 -17.99 5.66
CA ALA A 171 10.51 -17.15 6.66
C ALA A 171 11.28 -18.02 7.67
N CYS A 172 10.74 -19.20 8.02
CA CYS A 172 11.29 -20.08 9.07
C CYS A 172 12.11 -21.23 8.48
N ALA A 173 11.61 -21.91 7.43
CA ALA A 173 12.21 -23.13 6.86
C ALA A 173 12.92 -22.85 5.53
N GLY A 174 12.83 -21.61 4.99
CA GLY A 174 13.41 -21.27 3.69
C GLY A 174 12.85 -22.13 2.56
N ILE A 175 11.59 -22.58 2.70
CA ILE A 175 10.81 -23.22 1.61
C ILE A 175 10.53 -22.15 0.55
N ARG A 176 10.70 -22.48 -0.73
CA ARG A 176 10.66 -21.49 -1.84
C ARG A 176 9.23 -20.95 -2.01
N PRO A 177 9.03 -19.62 -2.03
CA PRO A 177 7.69 -19.04 -2.15
C PRO A 177 6.94 -19.43 -3.43
N ASP A 178 7.64 -19.53 -4.56
CA ASP A 178 7.05 -19.87 -5.90
C ASP A 178 6.60 -21.33 -5.93
N ARG A 179 7.04 -22.14 -4.95
CA ARG A 179 6.61 -23.55 -4.76
C ARG A 179 5.47 -23.62 -3.73
N CYS A 180 5.05 -22.48 -3.17
CA CYS A 180 4.01 -22.39 -2.11
C CYS A 180 2.69 -21.91 -2.71
N LEU A 181 1.59 -22.59 -2.37
CA LEU A 181 0.21 -22.33 -2.88
C LEU A 181 -0.76 -22.27 -1.70
N PRO A 182 -1.19 -21.07 -1.26
CA PRO A 182 -2.30 -20.97 -0.31
C PRO A 182 -3.62 -21.17 -1.06
N VAL A 183 -4.52 -21.98 -0.48
CA VAL A 183 -5.84 -22.31 -1.10
C VAL A 183 -6.94 -22.00 -0.10
N CYS A 184 -8.07 -21.47 -0.59
CA CYS A 184 -9.33 -21.31 0.18
C CYS A 184 -10.46 -22.03 -0.55
N ILE A 185 -11.06 -23.03 0.11
CA ILE A 185 -12.29 -23.73 -0.36
C ILE A 185 -13.50 -22.98 0.18
N ASP A 186 -14.27 -22.34 -0.70
CA ASP A 186 -15.49 -21.57 -0.36
C ASP A 186 -16.72 -22.42 -0.68
N VAL A 187 -17.42 -22.88 0.35
CA VAL A 187 -18.68 -23.67 0.23
C VAL A 187 -19.80 -22.88 0.91
N GLY A 188 -19.62 -21.57 1.03
CA GLY A 188 -20.49 -20.66 1.80
C GLY A 188 -20.03 -20.56 3.25
N THR A 189 -20.70 -19.71 4.03
CA THR A 189 -20.43 -19.49 5.48
C THR A 189 -21.75 -19.44 6.25
N ASP A 190 -21.75 -19.94 7.49
CA ASP A 190 -22.91 -19.88 8.42
C ASP A 190 -22.79 -18.60 9.27
N ASN A 191 -21.80 -17.75 8.99
CA ASN A 191 -21.57 -16.46 9.73
C ASN A 191 -22.48 -15.39 9.11
N ILE A 192 -23.57 -15.08 9.81
CA ILE A 192 -24.67 -14.20 9.30
C ILE A 192 -24.16 -12.76 9.19
N ALA A 193 -23.22 -12.36 10.05
CA ALA A 193 -22.56 -11.03 10.02
C ALA A 193 -21.86 -10.84 8.67
N LEU A 194 -21.18 -11.87 8.19
CA LEU A 194 -20.38 -11.87 6.93
C LEU A 194 -21.30 -11.90 5.71
N LEU A 195 -22.46 -12.56 5.82
CA LEU A 195 -23.45 -12.62 4.72
C LEU A 195 -24.14 -11.26 4.56
N LYS A 196 -24.08 -10.40 5.58
CA LYS A 196 -24.67 -9.05 5.53
C LYS A 196 -23.61 -8.00 5.16
N ASP A 197 -22.33 -8.39 5.16
CA ASP A 197 -21.20 -7.48 4.83
C ASP A 197 -21.08 -7.37 3.31
N PRO A 198 -21.18 -6.15 2.68
CA PRO A 198 -21.05 -5.97 1.21
C PRO A 198 -19.63 -6.17 0.64
N PHE A 199 -18.64 -6.30 1.51
CA PHE A 199 -17.19 -6.44 1.17
C PHE A 199 -16.75 -7.91 1.29
N TYR A 200 -17.67 -8.81 1.68
CA TYR A 200 -17.38 -10.26 1.83
C TYR A 200 -16.86 -10.80 0.49
N MET A 201 -15.91 -11.73 0.56
CA MET A 201 -15.10 -12.18 -0.60
C MET A 201 -15.50 -13.58 -1.06
N GLY A 202 -16.39 -14.25 -0.31
CA GLY A 202 -16.93 -15.58 -0.66
C GLY A 202 -18.34 -15.50 -1.20
N LEU A 203 -18.85 -16.62 -1.74
CA LEU A 203 -20.25 -16.80 -2.18
C LEU A 203 -21.21 -16.41 -1.05
N TYR A 204 -22.25 -15.63 -1.37
CA TYR A 204 -23.31 -15.20 -0.41
C TYR A 204 -24.30 -16.34 -0.22
N GLN A 205 -23.90 -17.37 0.53
CA GLN A 205 -24.71 -18.60 0.76
C GLN A 205 -24.27 -19.25 2.07
N LYS A 206 -25.14 -20.07 2.66
CA LYS A 206 -24.88 -20.82 3.92
C LYS A 206 -24.01 -22.04 3.60
N ARG A 207 -23.18 -22.46 4.56
CA ARG A 207 -22.18 -23.53 4.38
C ARG A 207 -22.88 -24.79 3.86
N ASP A 208 -22.55 -25.20 2.63
CA ASP A 208 -23.03 -26.44 1.96
C ASP A 208 -22.41 -27.66 2.66
N ARG A 209 -23.23 -28.52 3.25
CA ARG A 209 -22.79 -29.71 4.05
C ARG A 209 -23.25 -31.01 3.41
N THR A 210 -23.73 -30.96 2.16
CA THR A 210 -24.21 -32.15 1.39
C THR A 210 -23.00 -32.97 0.92
N GLN A 211 -23.25 -34.02 0.13
CA GLN A 211 -22.20 -34.87 -0.52
C GLN A 211 -21.25 -33.98 -1.35
N GLN A 212 -21.80 -32.93 -1.97
CA GLN A 212 -21.07 -32.02 -2.91
C GLN A 212 -19.84 -31.42 -2.22
N TYR A 213 -19.90 -31.21 -0.90
CA TYR A 213 -18.77 -30.71 -0.06
C TYR A 213 -17.61 -31.71 -0.09
N ASP A 214 -17.90 -33.00 0.13
CA ASP A 214 -16.91 -34.12 0.12
C ASP A 214 -16.37 -34.30 -1.32
N ASP A 215 -17.27 -34.24 -2.31
CA ASP A 215 -16.98 -34.41 -3.76
C ASP A 215 -16.04 -33.28 -4.22
N LEU A 216 -16.16 -32.09 -3.63
CA LEU A 216 -15.35 -30.90 -4.00
C LEU A 216 -13.94 -31.05 -3.43
N ILE A 217 -13.83 -31.36 -2.13
CA ILE A 217 -12.53 -31.61 -1.44
C ILE A 217 -11.78 -32.75 -2.16
N ASP A 218 -12.48 -33.82 -2.53
CA ASP A 218 -11.92 -34.94 -3.33
C ASP A 218 -11.32 -34.37 -4.62
N GLU A 219 -12.13 -33.65 -5.40
CA GLU A 219 -11.75 -33.07 -6.72
C GLU A 219 -10.54 -32.15 -6.56
N PHE A 220 -10.50 -31.37 -5.46
CA PHE A 220 -9.36 -30.47 -5.10
C PHE A 220 -8.09 -31.31 -4.90
N MET A 221 -8.17 -32.35 -4.07
CA MET A 221 -7.03 -33.25 -3.76
C MET A 221 -6.48 -33.85 -5.06
N LYS A 222 -7.38 -34.23 -5.97
CA LYS A 222 -7.03 -34.88 -7.27
C LYS A 222 -6.43 -33.85 -8.22
N ALA A 223 -7.09 -32.69 -8.39
CA ALA A 223 -6.67 -31.58 -9.29
C ALA A 223 -5.25 -31.14 -8.95
N ILE A 224 -4.99 -30.90 -7.67
CA ILE A 224 -3.68 -30.44 -7.12
C ILE A 224 -2.60 -31.48 -7.44
N THR A 225 -2.85 -32.75 -7.13
CA THR A 225 -1.86 -33.85 -7.26
C THR A 225 -1.70 -34.23 -8.74
N ASP A 226 -2.77 -34.14 -9.55
CA ASP A 226 -2.73 -34.41 -11.01
C ASP A 226 -1.74 -33.45 -11.68
N ARG A 227 -1.72 -32.18 -11.26
CA ARG A 227 -0.86 -31.13 -11.90
C ARG A 227 0.55 -31.19 -11.31
N TYR A 228 0.67 -31.21 -9.98
CA TYR A 228 1.91 -30.85 -9.25
C TYR A 228 2.63 -32.09 -8.71
N GLY A 229 1.95 -33.24 -8.64
CA GLY A 229 2.54 -34.53 -8.19
C GLY A 229 1.78 -35.12 -7.02
N ARG A 230 1.69 -36.45 -6.98
CA ARG A 230 0.90 -37.21 -5.97
C ARG A 230 1.50 -37.04 -4.57
N ASN A 231 2.77 -36.62 -4.47
CA ASN A 231 3.46 -36.39 -3.17
C ASN A 231 3.49 -34.90 -2.82
N THR A 232 2.66 -34.07 -3.47
CA THR A 232 2.52 -32.63 -3.16
C THR A 232 1.99 -32.50 -1.72
N LEU A 233 2.76 -31.83 -0.86
CA LEU A 233 2.38 -31.58 0.56
C LEU A 233 1.11 -30.74 0.59
N ILE A 234 0.06 -31.25 1.22
CA ILE A 234 -1.23 -30.53 1.44
C ILE A 234 -1.48 -30.42 2.94
N GLN A 235 -1.28 -29.23 3.50
CA GLN A 235 -1.49 -28.92 4.93
C GLN A 235 -2.93 -28.42 5.11
N PHE A 236 -3.74 -29.15 5.89
CA PHE A 236 -5.13 -28.76 6.24
C PHE A 236 -5.08 -27.80 7.43
N GLU A 237 -5.75 -26.66 7.33
CA GLU A 237 -5.71 -25.60 8.36
C GLU A 237 -7.11 -25.03 8.58
N ASP A 238 -7.59 -25.11 9.82
CA ASP A 238 -8.75 -24.33 10.34
C ASP A 238 -10.02 -24.78 9.60
N PHE A 239 -10.28 -26.09 9.58
CA PHE A 239 -11.39 -26.73 8.83
C PHE A 239 -12.63 -26.96 9.74
N GLY A 240 -12.43 -27.08 11.06
CA GLY A 240 -13.53 -27.31 12.00
C GLY A 240 -13.75 -28.78 12.29
N ASN A 241 -14.00 -29.11 13.55
CA ASN A 241 -13.82 -30.45 14.18
C ASN A 241 -14.26 -31.57 13.22
N HIS A 242 -15.53 -31.57 12.80
CA HIS A 242 -16.16 -32.67 12.03
C HIS A 242 -15.27 -33.01 10.81
N ASN A 243 -14.88 -31.99 10.04
CA ASN A 243 -14.23 -32.16 8.71
C ASN A 243 -12.73 -32.44 8.88
N ALA A 244 -12.07 -31.77 9.82
CA ALA A 244 -10.60 -31.88 10.06
C ALA A 244 -10.21 -33.35 10.14
N PHE A 245 -10.89 -34.11 11.01
CA PHE A 245 -10.54 -35.49 11.40
C PHE A 245 -10.83 -36.48 10.25
N ARG A 246 -12.05 -36.45 9.71
CA ARG A 246 -12.51 -37.44 8.70
C ARG A 246 -11.73 -37.24 7.40
N PHE A 247 -11.29 -36.01 7.09
CA PHE A 247 -10.45 -35.69 5.91
C PHE A 247 -9.02 -36.15 6.16
N LEU A 248 -8.46 -35.85 7.33
CA LEU A 248 -7.12 -36.35 7.74
C LEU A 248 -7.06 -37.87 7.53
N ARG A 249 -8.00 -38.63 8.12
CA ARG A 249 -8.01 -40.13 8.06
C ARG A 249 -8.25 -40.58 6.61
N LYS A 250 -9.21 -39.97 5.91
CA LYS A 250 -9.63 -40.37 4.54
C LYS A 250 -8.41 -40.28 3.59
N TYR A 251 -7.51 -39.32 3.82
CA TYR A 251 -6.47 -38.89 2.86
C TYR A 251 -5.03 -39.13 3.37
N ARG A 252 -4.81 -39.35 4.67
CA ARG A 252 -3.44 -39.41 5.23
C ARG A 252 -2.62 -40.55 4.61
N GLU A 253 -3.27 -41.63 4.16
CA GLU A 253 -2.60 -42.81 3.55
C GLU A 253 -2.74 -42.79 2.02
N LYS A 254 -3.55 -41.85 1.48
CA LYS A 254 -3.85 -41.72 0.03
C LYS A 254 -3.09 -40.54 -0.58
N TYR A 255 -2.71 -39.55 0.23
CA TYR A 255 -1.94 -38.35 -0.19
C TYR A 255 -0.86 -38.02 0.86
N CYS A 256 0.00 -37.06 0.54
CA CYS A 256 1.02 -36.48 1.46
C CYS A 256 0.42 -35.29 2.18
N THR A 257 -0.36 -35.55 3.23
CA THR A 257 -1.28 -34.56 3.86
C THR A 257 -1.32 -34.77 5.37
N PHE A 258 -1.23 -33.66 6.11
CA PHE A 258 -1.44 -33.60 7.59
C PHE A 258 -2.38 -32.45 7.89
N ASN A 259 -2.98 -32.48 9.08
CA ASN A 259 -3.78 -31.38 9.65
C ASN A 259 -2.92 -30.72 10.73
N ASP A 260 -2.68 -29.41 10.61
CA ASP A 260 -1.71 -28.64 11.43
C ASP A 260 -2.33 -28.39 12.81
N ASP A 261 -3.66 -28.25 12.85
CA ASP A 261 -4.43 -27.89 14.07
C ASP A 261 -4.62 -29.11 14.96
N ILE A 262 -4.38 -30.31 14.43
CA ILE A 262 -4.39 -31.59 15.19
C ILE A 262 -2.95 -31.95 15.52
N GLN A 263 -2.12 -32.18 14.48
CA GLN A 263 -0.82 -32.89 14.60
C GLN A 263 0.31 -31.88 14.88
N GLY A 264 0.29 -30.73 14.23
CA GLY A 264 1.29 -29.66 14.45
C GLY A 264 1.25 -29.21 15.90
N THR A 265 0.05 -28.87 16.38
CA THR A 265 -0.18 -28.34 17.75
C THR A 265 0.03 -29.47 18.76
N ALA A 266 -0.17 -30.73 18.36
CA ALA A 266 0.17 -31.93 19.16
C ALA A 266 1.67 -31.93 19.46
N ALA A 267 2.49 -31.71 18.43
CA ALA A 267 3.97 -31.76 18.49
C ALA A 267 4.50 -30.60 19.35
N VAL A 268 3.99 -29.38 19.19
CA VAL A 268 4.51 -28.21 19.97
C VAL A 268 4.07 -28.35 21.44
N ALA A 269 2.80 -28.69 21.69
CA ALA A 269 2.28 -28.94 23.06
C ALA A 269 3.21 -29.94 23.78
N LEU A 270 3.45 -31.11 23.17
CA LEU A 270 4.29 -32.19 23.76
C LEU A 270 5.70 -31.64 24.06
N ALA A 271 6.32 -30.96 23.10
CA ALA A 271 7.66 -30.34 23.24
C ALA A 271 7.67 -29.43 24.48
N GLY A 272 6.56 -28.74 24.73
CA GLY A 272 6.36 -27.88 25.91
C GLY A 272 6.28 -28.70 27.19
N LEU A 273 5.50 -29.78 27.16
CA LEU A 273 5.32 -30.73 28.30
C LEU A 273 6.65 -31.40 28.65
N LEU A 274 7.45 -31.77 27.65
CA LEU A 274 8.77 -32.47 27.84
C LEU A 274 9.77 -31.52 28.50
N ALA A 275 9.75 -30.24 28.13
CA ALA A 275 10.61 -29.18 28.71
C ALA A 275 10.24 -28.99 30.18
N ALA A 276 8.95 -29.09 30.49
CA ALA A 276 8.38 -29.00 31.85
C ALA A 276 8.87 -30.19 32.70
N GLN A 277 8.87 -31.40 32.12
CA GLN A 277 9.34 -32.65 32.77
C GLN A 277 10.79 -32.48 33.24
N LYS A 278 11.61 -31.76 32.47
CA LYS A 278 13.07 -31.61 32.72
C LYS A 278 13.30 -30.85 34.04
N VAL A 279 12.41 -29.94 34.47
CA VAL A 279 12.60 -29.15 35.73
C VAL A 279 11.86 -29.84 36.89
N ILE A 280 10.75 -30.52 36.62
CA ILE A 280 9.86 -31.13 37.67
C ILE A 280 10.34 -32.56 37.98
N SER A 281 10.65 -33.35 36.95
CA SER A 281 11.09 -34.77 37.02
C SER A 281 9.99 -35.64 37.66
N LYS A 282 8.74 -35.21 37.57
CA LYS A 282 7.55 -35.88 38.17
C LYS A 282 7.51 -37.32 37.66
N PRO A 283 7.48 -38.34 38.55
CA PRO A 283 7.38 -39.74 38.11
C PRO A 283 6.17 -39.94 37.18
N ILE A 284 6.37 -40.70 36.10
CA ILE A 284 5.42 -40.89 34.97
C ILE A 284 4.03 -41.30 35.49
N SER A 285 3.98 -42.19 36.50
CA SER A 285 2.74 -42.74 37.07
C SER A 285 1.84 -41.64 37.64
N GLU A 286 2.45 -40.56 38.18
CA GLU A 286 1.75 -39.49 38.96
C GLU A 286 1.24 -38.36 38.06
N HIS A 287 1.53 -38.38 36.75
CA HIS A 287 1.08 -37.37 35.76
C HIS A 287 -0.44 -37.47 35.57
N LYS A 288 -1.13 -36.32 35.57
CA LYS A 288 -2.59 -36.24 35.27
C LYS A 288 -2.86 -34.93 34.53
N ILE A 289 -3.32 -35.03 33.27
CA ILE A 289 -3.53 -33.87 32.35
C ILE A 289 -5.04 -33.67 32.14
N LEU A 290 -5.54 -32.49 32.51
CA LEU A 290 -6.94 -32.06 32.26
C LEU A 290 -6.95 -31.06 31.09
N PHE A 291 -7.68 -31.40 30.01
CA PHE A 291 -7.92 -30.51 28.84
C PHE A 291 -9.21 -29.72 29.05
N LEU A 292 -9.14 -28.41 28.85
CA LEU A 292 -10.32 -27.54 28.60
C LEU A 292 -10.57 -27.54 27.09
N GLY A 293 -11.49 -28.40 26.64
CA GLY A 293 -11.78 -28.66 25.21
C GLY A 293 -11.46 -30.10 24.85
N ALA A 294 -12.25 -30.70 23.96
CA ALA A 294 -12.09 -32.08 23.47
C ALA A 294 -12.09 -32.07 21.94
N GLY A 295 -11.58 -30.97 21.36
CA GLY A 295 -11.60 -30.70 19.91
C GLY A 295 -10.34 -31.18 19.21
N GLU A 296 -10.03 -30.60 18.04
CA GLU A 296 -8.91 -30.97 17.15
C GLU A 296 -7.60 -31.00 17.95
N ALA A 297 -7.26 -29.87 18.58
CA ALA A 297 -6.01 -29.64 19.33
C ALA A 297 -5.96 -30.56 20.56
N ALA A 298 -7.07 -30.66 21.29
CA ALA A 298 -7.19 -31.49 22.52
C ALA A 298 -6.81 -32.93 22.18
N LEU A 299 -7.51 -33.52 21.20
CA LEU A 299 -7.41 -34.94 20.81
C LEU A 299 -6.06 -35.21 20.11
N GLY A 300 -5.58 -34.25 19.32
CA GLY A 300 -4.24 -34.31 18.69
C GLY A 300 -3.15 -34.39 19.74
N ILE A 301 -3.16 -33.47 20.70
CA ILE A 301 -2.13 -33.36 21.78
C ILE A 301 -2.17 -34.64 22.64
N ALA A 302 -3.38 -35.11 22.97
CA ALA A 302 -3.61 -36.29 23.84
C ALA A 302 -3.02 -37.55 23.19
N ASN A 303 -3.22 -37.72 21.88
CA ASN A 303 -2.74 -38.90 21.11
C ASN A 303 -1.20 -38.93 21.10
N LEU A 304 -0.54 -37.76 21.04
CA LEU A 304 0.95 -37.68 21.02
C LEU A 304 1.53 -37.84 22.43
N ILE A 305 0.79 -37.44 23.47
CA ILE A 305 1.18 -37.67 24.89
C ILE A 305 1.16 -39.18 25.13
N VAL A 306 0.06 -39.84 24.79
CA VAL A 306 -0.14 -41.31 24.90
C VAL A 306 1.07 -42.02 24.27
N MET A 307 1.40 -41.65 23.02
CA MET A 307 2.51 -42.28 22.23
C MET A 307 3.84 -42.10 22.96
N SER A 308 4.07 -40.94 23.58
CA SER A 308 5.33 -40.60 24.31
C SER A 308 5.41 -41.44 25.58
N MET A 309 4.32 -41.50 26.35
CA MET A 309 4.18 -42.33 27.57
C MET A 309 4.41 -43.80 27.20
N VAL A 310 3.74 -44.29 26.14
CA VAL A 310 3.81 -45.70 25.63
C VAL A 310 5.27 -46.04 25.31
N GLU A 311 5.98 -45.10 24.67
CA GLU A 311 7.40 -45.26 24.26
C GLU A 311 8.29 -45.34 25.52
N ASN A 312 7.85 -44.74 26.63
CA ASN A 312 8.65 -44.60 27.88
C ASN A 312 8.23 -45.65 28.93
N GLY A 313 7.46 -46.67 28.54
CA GLY A 313 7.18 -47.85 29.40
C GLY A 313 5.70 -48.18 29.50
N LEU A 314 4.85 -47.18 29.72
CA LEU A 314 3.39 -47.37 29.98
C LEU A 314 2.73 -48.09 28.80
N SER A 315 1.55 -48.67 29.05
CA SER A 315 0.66 -49.26 28.01
C SER A 315 -0.31 -48.19 27.52
N GLU A 316 -0.98 -48.47 26.40
CA GLU A 316 -1.98 -47.57 25.78
C GLU A 316 -3.07 -47.25 26.81
N GLN A 317 -3.67 -48.29 27.41
CA GLN A 317 -4.84 -48.18 28.34
C GLN A 317 -4.50 -47.31 29.56
N GLU A 318 -3.36 -47.54 30.21
CA GLU A 318 -2.99 -46.86 31.49
C GLU A 318 -2.35 -45.49 31.21
N ALA A 319 -2.05 -45.17 29.93
CA ALA A 319 -1.61 -43.83 29.48
C ALA A 319 -2.82 -42.93 29.27
N GLN A 320 -3.85 -43.46 28.59
CA GLN A 320 -5.13 -42.77 28.28
C GLN A 320 -5.89 -42.46 29.58
N LYS A 321 -5.71 -43.29 30.61
CA LYS A 321 -6.38 -43.16 31.94
C LYS A 321 -5.90 -41.89 32.65
N LYS A 322 -4.73 -41.37 32.27
CA LYS A 322 -4.09 -40.16 32.88
C LYS A 322 -4.58 -38.87 32.20
N ILE A 323 -5.35 -38.97 31.11
CA ILE A 323 -5.86 -37.81 30.32
C ILE A 323 -7.37 -37.66 30.55
N TRP A 324 -7.79 -36.52 31.12
CA TRP A 324 -9.22 -36.09 31.22
C TRP A 324 -9.44 -34.87 30.32
N MET A 325 -10.67 -34.70 29.82
CA MET A 325 -11.07 -33.58 28.92
C MET A 325 -12.41 -33.01 29.39
N PHE A 326 -12.55 -31.68 29.31
CA PHE A 326 -13.74 -30.90 29.76
C PHE A 326 -14.17 -29.97 28.63
N ASP A 327 -15.24 -30.32 27.91
CA ASP A 327 -15.75 -29.56 26.74
C ASP A 327 -16.85 -28.60 27.20
N LYS A 328 -17.60 -28.02 26.25
CA LYS A 328 -18.62 -26.95 26.50
C LYS A 328 -19.77 -27.50 27.35
N TYR A 329 -20.02 -28.81 27.31
CA TYR A 329 -21.12 -29.50 28.04
C TYR A 329 -20.66 -30.00 29.41
N GLY A 330 -19.39 -29.79 29.77
CA GLY A 330 -18.78 -30.25 31.03
C GLY A 330 -17.80 -31.37 30.78
N LEU A 331 -17.34 -32.04 31.85
CA LEU A 331 -16.34 -33.14 31.79
C LEU A 331 -16.87 -34.22 30.84
N LEU A 332 -15.98 -35.04 30.26
CA LEU A 332 -16.32 -36.22 29.41
C LEU A 332 -16.19 -37.51 30.21
N VAL A 333 -17.32 -38.10 30.60
CA VAL A 333 -17.40 -39.39 31.36
C VAL A 333 -18.47 -40.28 30.70
N LYS A 334 -18.35 -41.59 30.93
CA LYS A 334 -19.08 -42.67 30.21
C LYS A 334 -20.58 -42.50 30.47
N GLY A 335 -21.39 -42.49 29.41
CA GLY A 335 -22.86 -42.36 29.48
C GLY A 335 -23.30 -41.00 30.01
N ARG A 336 -22.98 -39.92 29.29
CA ARG A 336 -23.45 -38.54 29.57
C ARG A 336 -24.42 -38.10 28.46
N LYS A 337 -25.32 -37.18 28.77
CA LYS A 337 -26.34 -36.62 27.82
C LYS A 337 -25.62 -36.09 26.58
N ALA A 338 -24.58 -35.28 26.78
CA ALA A 338 -23.70 -34.72 25.70
C ALA A 338 -22.96 -35.87 25.01
N LYS A 339 -22.80 -35.77 23.69
CA LYS A 339 -22.28 -36.86 22.81
C LYS A 339 -20.79 -37.11 23.08
N ILE A 340 -20.31 -38.29 22.67
CA ILE A 340 -18.88 -38.74 22.75
C ILE A 340 -18.55 -39.43 21.42
N ASP A 341 -17.73 -38.78 20.57
CA ASP A 341 -17.33 -39.32 19.24
C ASP A 341 -16.20 -40.34 19.43
N SER A 342 -15.91 -41.11 18.38
CA SER A 342 -14.89 -42.19 18.35
C SER A 342 -13.57 -41.73 18.99
N TYR A 343 -13.05 -40.58 18.56
CA TYR A 343 -11.69 -40.08 18.94
C TYR A 343 -11.66 -39.68 20.42
N GLN A 344 -12.82 -39.31 20.98
CA GLN A 344 -12.99 -38.87 22.40
C GLN A 344 -13.14 -40.08 23.34
N GLU A 345 -13.59 -41.24 22.84
CA GLU A 345 -13.93 -42.44 23.66
C GLU A 345 -12.74 -42.84 24.53
N PRO A 346 -11.52 -43.04 23.99
CA PRO A 346 -10.39 -43.51 24.79
C PRO A 346 -10.07 -42.67 26.05
N PHE A 347 -10.56 -41.42 26.08
CA PHE A 347 -10.28 -40.41 27.14
C PHE A 347 -11.52 -40.17 28.02
N THR A 348 -12.68 -40.65 27.59
CA THR A 348 -13.96 -40.66 28.36
C THR A 348 -13.90 -41.78 29.40
N HIS A 349 -13.78 -41.42 30.68
CA HIS A 349 -13.57 -42.37 31.81
C HIS A 349 -14.83 -42.47 32.69
N SER A 350 -14.85 -43.45 33.59
CA SER A 350 -15.89 -43.61 34.64
C SER A 350 -15.95 -42.34 35.49
N ALA A 351 -17.16 -41.81 35.70
CA ALA A 351 -17.42 -40.53 36.40
C ALA A 351 -16.80 -40.56 37.79
N PRO A 352 -16.12 -39.48 38.23
CA PRO A 352 -15.60 -39.40 39.60
C PRO A 352 -16.76 -39.33 40.61
N GLU A 353 -16.44 -39.05 41.88
CA GLU A 353 -17.41 -39.02 43.01
C GLU A 353 -18.43 -37.92 42.73
N SER A 354 -17.94 -36.69 42.55
CA SER A 354 -18.72 -35.47 42.19
C SER A 354 -18.42 -35.11 40.73
N ILE A 355 -19.45 -35.05 39.89
CA ILE A 355 -19.34 -34.59 38.47
C ILE A 355 -19.31 -33.05 38.49
N PRO A 356 -18.16 -32.41 38.18
CA PRO A 356 -18.07 -30.95 38.22
C PRO A 356 -18.97 -30.26 37.18
N ASP A 357 -19.45 -29.06 37.48
CA ASP A 357 -20.29 -28.22 36.57
C ASP A 357 -19.41 -27.16 35.91
N THR A 358 -18.44 -26.61 36.65
CA THR A 358 -17.42 -25.64 36.17
C THR A 358 -16.07 -26.35 35.99
N PHE A 359 -15.13 -25.65 35.36
CA PHE A 359 -13.75 -26.16 35.10
C PHE A 359 -12.92 -26.11 36.38
N GLU A 360 -13.14 -25.10 37.23
CA GLU A 360 -12.52 -24.92 38.57
C GLU A 360 -12.83 -26.15 39.45
N ASP A 361 -14.07 -26.65 39.39
CA ASP A 361 -14.51 -27.85 40.14
C ASP A 361 -13.73 -29.06 39.63
N ALA A 362 -13.53 -29.17 38.32
CA ALA A 362 -12.80 -30.27 37.65
C ALA A 362 -11.34 -30.30 38.12
N VAL A 363 -10.76 -29.12 38.44
CA VAL A 363 -9.37 -29.00 38.96
C VAL A 363 -9.33 -29.54 40.39
N ASN A 364 -10.23 -29.06 41.25
CA ASN A 364 -10.28 -29.35 42.71
C ASN A 364 -10.59 -30.83 42.95
N ILE A 365 -11.34 -31.47 42.03
CA ILE A 365 -11.73 -32.91 42.10
C ILE A 365 -10.58 -33.77 41.56
N LEU A 366 -10.27 -33.65 40.26
CA LEU A 366 -9.30 -34.52 39.52
C LEU A 366 -7.87 -34.24 40.01
N LYS A 367 -7.62 -33.02 40.51
CA LYS A 367 -6.30 -32.56 41.04
C LYS A 367 -5.21 -32.84 39.99
N PRO A 368 -5.35 -32.28 38.77
CA PRO A 368 -4.39 -32.55 37.71
C PRO A 368 -3.06 -31.79 37.92
N SER A 369 -1.97 -32.33 37.37
CA SER A 369 -0.60 -31.75 37.48
C SER A 369 -0.36 -30.77 36.33
N THR A 370 -0.88 -31.11 35.15
CA THR A 370 -0.86 -30.26 33.92
C THR A 370 -2.29 -29.89 33.53
N ILE A 371 -2.50 -28.62 33.17
CA ILE A 371 -3.80 -28.12 32.63
C ILE A 371 -3.54 -27.52 31.24
N ILE A 372 -4.27 -27.99 30.22
CA ILE A 372 -4.14 -27.54 28.81
C ILE A 372 -5.46 -26.96 28.35
N GLY A 373 -5.46 -25.68 27.97
CA GLY A 373 -6.64 -24.95 27.47
C GLY A 373 -6.63 -24.84 25.96
N VAL A 374 -7.62 -25.44 25.29
CA VAL A 374 -7.82 -25.41 23.81
C VAL A 374 -9.32 -25.38 23.53
N ALA A 375 -10.00 -24.36 24.04
CA ALA A 375 -11.47 -24.16 23.93
C ALA A 375 -11.80 -23.00 22.98
N GLY A 376 -10.89 -22.03 22.83
CA GLY A 376 -11.11 -20.81 22.02
C GLY A 376 -12.32 -20.03 22.49
N ALA A 377 -12.56 -20.07 23.81
CA ALA A 377 -13.83 -19.66 24.46
C ALA A 377 -13.58 -18.53 25.48
N GLY A 378 -12.38 -17.96 25.52
CA GLY A 378 -12.06 -16.80 26.36
C GLY A 378 -11.24 -17.17 27.59
N ARG A 379 -11.41 -16.41 28.68
CA ARG A 379 -10.53 -16.44 29.89
C ARG A 379 -11.08 -17.45 30.92
N LEU A 380 -11.17 -18.73 30.53
CA LEU A 380 -11.85 -19.80 31.30
C LEU A 380 -10.95 -20.35 32.41
N PHE A 381 -9.62 -20.28 32.24
CA PHE A 381 -8.64 -20.47 33.34
C PHE A 381 -8.68 -19.23 34.23
N THR A 382 -9.73 -19.12 35.05
CA THR A 382 -10.01 -17.97 35.95
C THR A 382 -8.93 -17.93 37.03
N PRO A 383 -8.75 -16.79 37.72
CA PRO A 383 -7.84 -16.72 38.87
C PRO A 383 -8.01 -17.90 39.85
N ASP A 384 -9.25 -18.33 40.10
CA ASP A 384 -9.58 -19.43 41.04
C ASP A 384 -9.11 -20.77 40.45
N VAL A 385 -9.20 -20.94 39.13
CA VAL A 385 -8.65 -22.14 38.41
C VAL A 385 -7.15 -22.19 38.64
N ILE A 386 -6.46 -21.07 38.43
CA ILE A 386 -4.97 -20.95 38.52
C ILE A 386 -4.52 -21.18 39.97
N ARG A 387 -5.12 -20.44 40.92
CA ARG A 387 -4.85 -20.58 42.38
C ARG A 387 -4.94 -22.05 42.79
N ALA A 388 -6.05 -22.71 42.45
CA ALA A 388 -6.31 -24.14 42.76
C ALA A 388 -5.15 -24.99 42.25
N MET A 389 -4.60 -24.65 41.07
CA MET A 389 -3.44 -25.35 40.45
C MET A 389 -2.17 -25.08 41.28
N ALA A 390 -1.96 -23.84 41.73
CA ALA A 390 -0.82 -23.41 42.57
C ALA A 390 -0.89 -24.09 43.94
N SER A 391 -2.10 -24.39 44.42
CA SER A 391 -2.34 -25.09 45.71
C SER A 391 -2.04 -26.58 45.53
N ILE A 392 -2.73 -27.22 44.59
CA ILE A 392 -2.67 -28.70 44.32
C ILE A 392 -1.25 -29.11 43.91
N ASN A 393 -0.56 -28.26 43.14
CA ASN A 393 0.75 -28.58 42.53
C ASN A 393 1.81 -27.57 42.98
N GLU A 394 2.99 -28.07 43.38
CA GLU A 394 4.18 -27.23 43.69
C GLU A 394 4.59 -26.50 42.41
N ARG A 395 4.76 -27.25 41.30
CA ARG A 395 5.07 -26.67 39.96
C ARG A 395 3.93 -27.04 39.01
N PRO A 396 2.83 -26.24 38.99
CA PRO A 396 1.72 -26.48 38.08
C PRO A 396 2.13 -26.14 36.64
N VAL A 397 1.73 -26.99 35.70
CA VAL A 397 1.90 -26.76 34.23
C VAL A 397 0.57 -26.20 33.70
N ILE A 398 0.62 -24.99 33.13
CA ILE A 398 -0.59 -24.24 32.66
C ILE A 398 -0.34 -23.82 31.20
N PHE A 399 -0.97 -24.51 30.26
CA PHE A 399 -0.88 -24.23 28.80
C PHE A 399 -2.23 -23.64 28.34
N ALA A 400 -2.25 -22.31 28.22
CA ALA A 400 -3.39 -21.51 27.69
C ALA A 400 -3.14 -21.25 26.20
N LEU A 401 -3.53 -22.20 25.34
CA LEU A 401 -3.04 -22.29 23.94
C LEU A 401 -4.04 -21.67 22.96
N SER A 402 -5.25 -21.31 23.41
CA SER A 402 -6.30 -20.75 22.52
C SER A 402 -5.80 -19.45 21.89
N ASN A 403 -6.11 -19.24 20.61
CA ASN A 403 -5.70 -18.06 19.80
C ASN A 403 -6.96 -17.43 19.20
N PRO A 404 -7.01 -16.10 18.96
CA PRO A 404 -5.96 -15.15 19.35
C PRO A 404 -6.00 -14.77 20.83
N THR A 405 -5.30 -13.67 21.18
CA THR A 405 -4.98 -13.25 22.56
C THR A 405 -6.26 -13.16 23.40
N ALA A 406 -7.32 -12.57 22.85
CA ALA A 406 -8.62 -12.38 23.54
C ALA A 406 -9.20 -13.74 23.97
N GLN A 407 -9.05 -14.77 23.15
CA GLN A 407 -9.68 -16.11 23.33
C GLN A 407 -8.81 -17.03 24.19
N ALA A 408 -7.58 -16.60 24.53
CA ALA A 408 -6.65 -17.36 25.40
C ALA A 408 -7.30 -17.55 26.78
N GLU A 409 -7.02 -18.69 27.42
CA GLU A 409 -7.61 -19.13 28.72
C GLU A 409 -7.14 -18.20 29.85
N CYS A 410 -5.92 -17.65 29.74
CA CYS A 410 -5.35 -16.65 30.68
C CYS A 410 -4.07 -16.04 30.07
N THR A 411 -3.63 -14.91 30.64
CA THR A 411 -2.38 -14.20 30.25
C THR A 411 -1.19 -14.86 30.96
N ALA A 412 0.02 -14.53 30.52
CA ALA A 412 1.27 -14.84 31.24
C ALA A 412 1.23 -14.15 32.61
N GLU A 413 0.87 -12.86 32.62
CA GLU A 413 0.84 -12.00 33.83
C GLU A 413 0.13 -12.76 34.96
N GLU A 414 -1.10 -13.21 34.73
CA GLU A 414 -1.96 -13.77 35.80
C GLU A 414 -1.60 -15.24 36.07
N ALA A 415 -0.89 -15.91 35.16
CA ALA A 415 -0.33 -17.27 35.42
C ALA A 415 0.82 -17.16 36.41
N TYR A 416 1.85 -16.36 36.09
CA TYR A 416 3.10 -16.23 36.89
C TYR A 416 2.80 -15.56 38.24
N THR A 417 1.89 -14.58 38.25
CA THR A 417 1.49 -13.82 39.47
C THR A 417 0.77 -14.75 40.45
N LEU A 418 -0.35 -15.36 40.02
CA LEU A 418 -1.29 -16.10 40.90
C LEU A 418 -0.73 -17.46 41.32
N THR A 419 0.39 -17.89 40.74
CA THR A 419 1.13 -19.12 41.17
C THR A 419 2.43 -18.73 41.87
N GLU A 420 2.64 -17.43 42.12
CA GLU A 420 3.85 -16.88 42.82
C GLU A 420 5.11 -17.35 42.09
N GLY A 421 5.08 -17.27 40.75
CA GLY A 421 6.20 -17.61 39.84
C GLY A 421 6.63 -19.06 39.99
N ARG A 422 5.69 -19.97 40.26
CA ARG A 422 5.96 -21.42 40.43
C ARG A 422 5.47 -22.20 39.20
N CYS A 423 4.49 -21.67 38.47
CA CYS A 423 3.87 -22.34 37.30
C CYS A 423 4.89 -22.50 36.18
N LEU A 424 4.68 -23.52 35.34
CA LEU A 424 5.32 -23.66 34.02
C LEU A 424 4.24 -23.37 32.97
N PHE A 425 4.40 -22.26 32.25
CA PHE A 425 3.35 -21.63 31.43
C PHE A 425 3.78 -21.63 29.96
N ALA A 426 2.81 -21.82 29.06
CA ALA A 426 2.93 -21.56 27.61
C ALA A 426 1.61 -20.99 27.10
N SER A 427 1.69 -20.00 26.22
CA SER A 427 0.53 -19.39 25.50
C SER A 427 0.53 -19.85 24.05
N GLY A 428 -0.61 -19.76 23.38
CA GLY A 428 -0.73 -19.93 21.92
C GLY A 428 -0.41 -18.64 21.21
N SER A 429 -0.81 -17.51 21.81
CA SER A 429 -0.59 -16.12 21.30
C SER A 429 0.51 -15.47 22.13
N PRO A 430 1.32 -14.56 21.55
CA PRO A 430 2.50 -14.04 22.26
C PRO A 430 2.18 -13.13 23.46
N PHE A 431 2.89 -13.33 24.56
CA PHE A 431 2.91 -12.43 25.74
C PHE A 431 4.35 -11.99 26.02
N GLY A 432 4.52 -10.75 26.49
CA GLY A 432 5.82 -10.20 26.88
C GLY A 432 6.32 -10.78 28.19
N PRO A 433 7.59 -10.55 28.56
CA PRO A 433 8.12 -10.99 29.86
C PRO A 433 7.38 -10.34 31.04
N VAL A 434 7.15 -11.13 32.10
CA VAL A 434 6.38 -10.74 33.32
C VAL A 434 7.36 -10.61 34.48
N LYS A 435 7.48 -9.40 35.06
CA LYS A 435 8.29 -9.12 36.27
C LYS A 435 7.35 -9.10 37.49
N LEU A 436 7.59 -9.99 38.46
CA LEU A 436 6.80 -10.08 39.73
C LEU A 436 7.38 -9.10 40.75
N THR A 437 6.58 -8.74 41.76
CA THR A 437 6.93 -7.76 42.82
C THR A 437 8.29 -8.10 43.44
N ASP A 438 8.65 -9.39 43.56
CA ASP A 438 9.91 -9.84 44.20
C ASP A 438 11.11 -9.74 43.24
N GLY A 439 10.90 -9.27 42.00
CA GLY A 439 11.99 -8.88 41.08
C GLY A 439 12.29 -9.90 40.00
N ARG A 440 11.97 -11.19 40.24
CA ARG A 440 12.11 -12.28 39.24
C ARG A 440 11.38 -11.89 37.95
N VAL A 441 12.00 -12.18 36.79
CA VAL A 441 11.44 -11.87 35.44
C VAL A 441 11.24 -13.19 34.69
N PHE A 442 9.98 -13.54 34.42
CA PHE A 442 9.60 -14.77 33.68
C PHE A 442 9.34 -14.41 32.21
N THR A 443 10.04 -15.09 31.30
CA THR A 443 9.86 -14.94 29.83
C THR A 443 9.02 -16.09 29.30
N PRO A 444 7.70 -15.88 29.05
CA PRO A 444 6.82 -16.96 28.60
C PRO A 444 7.16 -17.42 27.17
N GLY A 445 7.18 -18.74 26.97
CA GLY A 445 7.29 -19.38 25.65
C GLY A 445 5.93 -19.51 25.00
N GLN A 446 5.88 -19.57 23.67
CA GLN A 446 4.61 -19.64 22.89
C GLN A 446 4.44 -21.06 22.36
N GLY A 447 3.54 -21.83 22.98
CA GLY A 447 3.11 -23.16 22.50
C GLY A 447 2.22 -23.03 21.29
N ASN A 448 2.81 -22.74 20.13
CA ASN A 448 2.07 -22.51 18.86
C ASN A 448 2.71 -23.37 17.76
N ASN A 449 1.88 -23.94 16.89
CA ASN A 449 2.30 -24.96 15.89
C ASN A 449 3.23 -24.35 14.81
N VAL A 450 3.47 -23.04 14.83
CA VAL A 450 4.50 -22.34 13.99
C VAL A 450 5.90 -22.95 14.24
N TYR A 451 6.13 -23.52 15.43
CA TYR A 451 7.42 -24.15 15.82
C TYR A 451 7.58 -25.52 15.12
N ILE A 452 6.55 -26.02 14.45
CA ILE A 452 6.53 -27.42 13.93
C ILE A 452 6.34 -27.42 12.41
N PHE A 453 5.26 -26.82 11.90
CA PHE A 453 4.79 -27.05 10.51
C PHE A 453 5.87 -26.64 9.50
N PRO A 454 6.71 -25.60 9.75
CA PRO A 454 7.77 -25.26 8.80
C PRO A 454 8.82 -26.37 8.65
N GLY A 455 9.43 -26.78 9.76
CA GLY A 455 10.51 -27.78 9.78
C GLY A 455 10.03 -29.10 9.20
N VAL A 456 8.86 -29.57 9.66
CA VAL A 456 8.23 -30.84 9.20
C VAL A 456 7.98 -30.74 7.69
N ALA A 457 7.39 -29.63 7.24
CA ALA A 457 7.03 -29.40 5.82
C ALA A 457 8.30 -29.47 4.96
N LEU A 458 9.38 -28.81 5.39
CA LEU A 458 10.68 -28.78 4.66
C LEU A 458 11.21 -30.20 4.51
N ALA A 459 11.30 -30.94 5.61
CA ALA A 459 11.78 -32.34 5.65
C ALA A 459 10.99 -33.18 4.64
N VAL A 460 9.65 -33.16 4.75
CA VAL A 460 8.72 -33.97 3.90
C VAL A 460 8.98 -33.66 2.42
N ILE A 461 9.12 -32.37 2.09
CA ILE A 461 9.35 -31.90 0.69
C ILE A 461 10.69 -32.46 0.19
N LEU A 462 11.78 -32.19 0.92
CA LEU A 462 13.18 -32.54 0.49
C LEU A 462 13.36 -34.06 0.41
N CYS A 463 12.71 -34.81 1.30
CA CYS A 463 12.80 -36.31 1.38
C CYS A 463 11.83 -36.96 0.39
N ASN A 464 11.08 -36.18 -0.39
CA ASN A 464 10.02 -36.67 -1.32
C ASN A 464 9.15 -37.69 -0.58
N THR A 465 8.76 -37.39 0.67
CA THR A 465 7.94 -38.29 1.52
C THR A 465 6.50 -38.26 0.99
N TRP A 466 5.83 -39.41 1.00
CA TRP A 466 4.52 -39.64 0.31
C TRP A 466 3.37 -39.63 1.32
N HIS A 467 3.63 -40.04 2.56
CA HIS A 467 2.63 -40.10 3.66
C HIS A 467 3.32 -39.76 4.98
N ILE A 468 2.66 -38.98 5.84
CA ILE A 468 3.20 -38.51 7.15
C ILE A 468 2.54 -39.32 8.26
N SER A 469 3.33 -40.09 9.02
CA SER A 469 2.86 -40.86 10.20
C SER A 469 2.78 -39.93 11.41
N ASP A 470 1.90 -40.25 12.38
CA ASP A 470 1.81 -39.55 13.68
C ASP A 470 3.19 -39.55 14.35
N SER A 471 4.02 -40.56 14.05
CA SER A 471 5.38 -40.75 14.61
C SER A 471 6.34 -39.63 14.14
N VAL A 472 6.10 -39.03 12.98
CA VAL A 472 6.94 -37.91 12.48
C VAL A 472 6.79 -36.72 13.45
N PHE A 473 5.56 -36.46 13.91
CA PHE A 473 5.24 -35.33 14.84
C PHE A 473 5.87 -35.60 16.20
N LEU A 474 5.93 -36.86 16.63
CA LEU A 474 6.62 -37.26 17.89
C LEU A 474 8.11 -36.90 17.79
N GLU A 475 8.72 -37.12 16.63
CA GLU A 475 10.15 -36.82 16.37
C GLU A 475 10.35 -35.31 16.30
N ALA A 476 9.38 -34.58 15.73
CA ALA A 476 9.37 -33.10 15.63
C ALA A 476 9.41 -32.50 17.03
N ALA A 477 8.55 -33.01 17.92
CA ALA A 477 8.44 -32.60 19.35
C ALA A 477 9.79 -32.81 20.04
N LYS A 478 10.38 -34.00 19.88
CA LYS A 478 11.71 -34.36 20.44
C LYS A 478 12.76 -33.38 19.91
N ALA A 479 12.84 -33.25 18.58
CA ALA A 479 13.78 -32.35 17.87
C ALA A 479 13.69 -30.92 18.40
N LEU A 480 12.46 -30.41 18.58
CA LEU A 480 12.15 -29.03 19.06
C LEU A 480 12.67 -28.82 20.49
N THR A 481 12.24 -29.66 21.43
CA THR A 481 12.56 -29.50 22.88
C THR A 481 14.08 -29.71 23.09
N SER A 482 14.73 -30.52 22.25
CA SER A 482 16.18 -30.85 22.37
C SER A 482 17.04 -29.62 22.03
N GLN A 483 16.45 -28.56 21.51
CA GLN A 483 17.17 -27.29 21.19
C GLN A 483 17.00 -26.26 22.31
N LEU A 484 16.07 -26.49 23.24
CA LEU A 484 15.86 -25.63 24.44
C LEU A 484 17.10 -25.75 25.35
N THR A 485 17.87 -24.67 25.50
CA THR A 485 19.07 -24.61 26.37
C THR A 485 18.64 -24.43 27.83
N ASP A 486 19.54 -24.74 28.77
CA ASP A 486 19.30 -24.64 30.24
C ASP A 486 18.97 -23.19 30.60
N GLU A 487 19.71 -22.23 30.06
CA GLU A 487 19.63 -20.78 30.41
C GLU A 487 18.25 -20.23 30.01
N GLU A 488 17.67 -20.75 28.92
CA GLU A 488 16.34 -20.34 28.39
C GLU A 488 15.24 -20.97 29.25
N LEU A 489 15.43 -22.24 29.65
CA LEU A 489 14.50 -22.97 30.56
C LEU A 489 14.53 -22.34 31.95
N ALA A 490 15.63 -21.68 32.30
CA ALA A 490 15.88 -21.04 33.62
C ALA A 490 15.20 -19.67 33.71
N GLN A 491 14.75 -19.09 32.58
CA GLN A 491 14.00 -17.81 32.57
C GLN A 491 12.50 -18.10 32.32
N GLY A 492 12.13 -19.38 32.25
CA GLY A 492 10.72 -19.83 32.16
C GLY A 492 10.29 -20.20 30.74
N ARG A 493 11.21 -20.23 29.77
CA ARG A 493 10.91 -20.60 28.36
C ARG A 493 10.86 -22.13 28.22
N LEU A 494 9.72 -22.66 27.77
CA LEU A 494 9.52 -24.11 27.50
C LEU A 494 9.75 -24.38 26.01
N TYR A 495 10.19 -23.36 25.26
CA TYR A 495 10.49 -23.39 23.81
C TYR A 495 11.66 -22.46 23.52
N PRO A 496 12.49 -22.73 22.49
CA PRO A 496 13.53 -21.79 22.09
C PRO A 496 12.88 -20.48 21.66
N PRO A 497 13.60 -19.34 21.73
CA PRO A 497 13.02 -18.04 21.41
C PRO A 497 12.66 -17.95 19.92
N LEU A 498 11.61 -17.18 19.62
CA LEU A 498 11.10 -16.94 18.24
C LEU A 498 12.20 -16.29 17.40
N ALA A 499 13.09 -15.51 18.02
CA ALA A 499 14.24 -14.83 17.37
C ALA A 499 15.09 -15.85 16.61
N ASN A 500 15.14 -17.11 17.07
CA ASN A 500 15.99 -18.19 16.50
C ASN A 500 15.13 -19.23 15.78
N ILE A 501 13.88 -18.91 15.43
CA ILE A 501 12.91 -19.91 14.86
C ILE A 501 13.44 -20.44 13.50
N GLN A 502 14.25 -19.65 12.79
CA GLN A 502 14.86 -20.06 11.48
C GLN A 502 15.72 -21.31 11.70
N GLU A 503 16.72 -21.22 12.58
CA GLU A 503 17.72 -22.31 12.78
C GLU A 503 17.05 -23.47 13.52
N VAL A 504 16.14 -23.18 14.46
CA VAL A 504 15.29 -24.19 15.16
C VAL A 504 14.51 -24.98 14.11
N SER A 505 13.83 -24.28 13.20
CA SER A 505 12.99 -24.86 12.12
C SER A 505 13.83 -25.75 11.20
N ILE A 506 15.05 -25.32 10.85
CA ILE A 506 16.00 -26.07 9.97
C ILE A 506 16.49 -27.31 10.71
N ASN A 507 16.88 -27.15 11.99
CA ASN A 507 17.35 -28.26 12.87
C ASN A 507 16.24 -29.31 13.01
N ILE A 508 14.98 -28.88 13.19
CA ILE A 508 13.80 -29.80 13.20
C ILE A 508 13.82 -30.57 11.87
N ALA A 509 13.82 -29.83 10.76
CA ALA A 509 13.81 -30.37 9.38
C ALA A 509 14.91 -31.44 9.24
N ILE A 510 16.13 -31.10 9.69
CA ILE A 510 17.33 -32.00 9.62
C ILE A 510 17.00 -33.30 10.38
N LYS A 511 16.63 -33.17 11.66
CA LYS A 511 16.28 -34.32 12.54
C LYS A 511 15.15 -35.15 11.92
N VAL A 512 14.14 -34.50 11.33
CA VAL A 512 12.97 -35.20 10.75
C VAL A 512 13.40 -35.93 9.46
N THR A 513 14.37 -35.41 8.71
CA THR A 513 14.88 -36.07 7.48
C THR A 513 15.69 -37.31 7.89
N GLU A 514 16.55 -37.18 8.91
CA GLU A 514 17.33 -38.31 9.47
C GLU A 514 16.36 -39.42 9.86
N TYR A 515 15.23 -39.06 10.47
CA TYR A 515 14.19 -40.02 10.91
C TYR A 515 13.52 -40.66 9.69
N LEU A 516 13.06 -39.85 8.73
CA LEU A 516 12.27 -40.31 7.54
C LEU A 516 13.10 -41.31 6.73
N TYR A 517 14.42 -41.08 6.62
CA TYR A 517 15.37 -41.95 5.90
C TYR A 517 15.57 -43.25 6.69
N ALA A 518 15.84 -43.15 8.00
CA ALA A 518 16.07 -44.30 8.92
C ALA A 518 14.89 -45.27 8.87
N ASN A 519 13.66 -44.76 8.71
CA ASN A 519 12.40 -45.54 8.77
C ASN A 519 11.81 -45.69 7.35
N LYS A 520 12.67 -45.64 6.33
CA LYS A 520 12.29 -45.91 4.91
C LYS A 520 10.96 -45.23 4.57
N MET A 521 10.85 -43.93 4.86
CA MET A 521 9.70 -43.06 4.48
C MET A 521 10.12 -42.03 3.43
N ALA A 522 11.43 -41.82 3.25
CA ALA A 522 12.03 -40.89 2.27
C ALA A 522 12.17 -41.58 0.91
N PHE A 523 11.73 -40.93 -0.18
CA PHE A 523 11.75 -41.46 -1.57
C PHE A 523 12.58 -40.55 -2.48
N ARG A 524 13.50 -39.76 -1.92
CA ARG A 524 14.48 -38.94 -2.69
C ARG A 524 15.77 -39.76 -2.83
N TYR A 525 16.06 -40.22 -4.05
CA TYR A 525 17.29 -40.96 -4.42
C TYR A 525 18.32 -39.95 -4.95
N PRO A 526 19.61 -40.05 -4.56
CA PRO A 526 20.07 -41.03 -3.57
C PRO A 526 19.90 -40.47 -2.15
N GLU A 527 19.94 -41.35 -1.14
CA GLU A 527 20.08 -40.92 0.29
C GLU A 527 21.37 -40.12 0.40
N PRO A 528 21.32 -38.86 0.89
CA PRO A 528 22.55 -38.07 1.11
C PRO A 528 23.30 -38.57 2.34
N GLU A 529 24.62 -38.38 2.38
CA GLU A 529 25.47 -38.82 3.52
C GLU A 529 25.27 -37.84 4.68
N ASP A 530 25.49 -36.54 4.44
CA ASP A 530 25.31 -35.46 5.45
C ASP A 530 23.88 -34.89 5.30
N LYS A 531 22.97 -35.26 6.21
CA LYS A 531 21.54 -34.82 6.18
C LYS A 531 21.45 -33.34 6.56
N ALA A 532 22.32 -32.87 7.46
CA ALA A 532 22.41 -31.45 7.87
C ALA A 532 22.81 -30.58 6.68
N LYS A 533 23.88 -30.96 5.97
CA LYS A 533 24.40 -30.21 4.78
C LYS A 533 23.35 -30.21 3.68
N TYR A 534 22.66 -31.34 3.48
CA TYR A 534 21.61 -31.56 2.43
C TYR A 534 20.47 -30.55 2.62
N VAL A 535 19.90 -30.49 3.82
CA VAL A 535 18.77 -29.57 4.16
C VAL A 535 19.26 -28.13 4.00
N LYS A 536 20.37 -27.78 4.66
CA LYS A 536 20.88 -26.38 4.77
C LYS A 536 21.18 -25.80 3.39
N GLU A 537 21.73 -26.60 2.46
CA GLU A 537 22.18 -26.08 1.14
C GLU A 537 20.97 -25.92 0.18
N ARG A 538 19.76 -26.37 0.55
CA ARG A 538 18.53 -26.26 -0.30
C ARG A 538 17.52 -25.25 0.26
N THR A 539 17.90 -24.40 1.23
CA THR A 539 17.02 -23.33 1.77
C THR A 539 17.05 -22.11 0.83
N TRP A 540 15.88 -21.55 0.52
CA TRP A 540 15.72 -20.28 -0.25
C TRP A 540 16.27 -19.11 0.57
N ARG A 541 16.99 -18.20 -0.10
CA ARG A 541 17.63 -17.01 0.49
C ARG A 541 16.92 -15.74 -0.02
N SER A 542 16.80 -14.75 0.87
CA SER A 542 16.13 -13.44 0.63
C SER A 542 17.07 -12.49 -0.13
N GLU A 543 18.34 -12.85 -0.29
CA GLU A 543 19.33 -12.07 -1.08
C GLU A 543 18.89 -12.05 -2.54
N TYR A 544 18.84 -10.86 -3.14
CA TYR A 544 18.61 -10.66 -4.59
C TYR A 544 19.54 -11.58 -5.38
N ASP A 545 19.00 -12.20 -6.43
CA ASP A 545 19.78 -12.92 -7.47
C ASP A 545 20.23 -11.89 -8.51
N SER A 546 21.33 -12.16 -9.22
CA SER A 546 21.70 -11.46 -10.47
C SER A 546 20.69 -11.85 -11.55
N LEU A 547 20.17 -10.87 -12.29
CA LEU A 547 19.28 -11.08 -13.47
C LEU A 547 20.03 -10.71 -14.76
N LEU A 548 21.35 -10.54 -14.69
CA LEU A 548 22.18 -10.13 -15.85
C LEU A 548 22.26 -11.28 -16.85
N PRO A 549 21.94 -11.03 -18.13
CA PRO A 549 22.33 -11.96 -19.20
C PRO A 549 23.82 -12.28 -19.02
N ASP A 550 24.22 -13.49 -19.38
CA ASP A 550 25.64 -13.90 -19.36
C ASP A 550 26.33 -13.38 -20.62
N VAL A 551 27.07 -12.27 -20.48
CA VAL A 551 27.82 -11.61 -21.60
C VAL A 551 29.32 -11.88 -21.38
N TYR A 552 29.99 -12.41 -22.40
CA TYR A 552 31.40 -12.87 -22.35
C TYR A 552 32.00 -12.87 -23.76
N GLU A 553 33.34 -12.79 -23.83
CA GLU A 553 34.13 -12.68 -25.09
C GLU A 553 34.48 -14.08 -25.62
N TRP A 554 34.72 -14.17 -26.92
CA TRP A 554 34.99 -15.42 -27.68
C TRP A 554 36.47 -15.46 -28.11
N ILE B 3 -6.98 -6.15 -25.76
CA ILE B 3 -5.81 -6.53 -24.90
C ILE B 3 -5.13 -7.77 -25.51
N LYS B 4 -3.80 -7.81 -25.50
CA LYS B 4 -2.97 -8.85 -26.17
C LYS B 4 -2.50 -9.91 -25.15
N GLU B 5 -2.44 -9.56 -23.87
CA GLU B 5 -2.02 -10.48 -22.77
C GLU B 5 -3.25 -11.06 -22.08
N LYS B 6 -3.12 -12.26 -21.48
CA LYS B 6 -4.16 -12.90 -20.64
C LYS B 6 -3.50 -13.49 -19.38
N GLY B 7 -4.29 -14.09 -18.48
CA GLY B 7 -3.81 -14.68 -17.23
C GLY B 7 -3.41 -13.62 -16.21
N LYS B 8 -2.53 -13.99 -15.28
CA LYS B 8 -2.11 -13.17 -14.10
C LYS B 8 -1.66 -11.77 -14.55
N PRO B 9 -0.89 -11.60 -15.64
CA PRO B 9 -0.47 -10.27 -16.09
C PRO B 9 -1.56 -9.18 -16.16
N LEU B 10 -2.84 -9.56 -16.33
CA LEU B 10 -3.98 -8.60 -16.36
C LEU B 10 -4.15 -7.97 -14.98
N MET B 11 -3.85 -8.71 -13.91
CA MET B 11 -3.99 -8.27 -12.49
C MET B 11 -2.76 -7.50 -12.02
N LEU B 12 -1.57 -7.86 -12.50
CA LEU B 12 -0.28 -7.20 -12.13
C LEU B 12 -0.18 -5.85 -12.85
N ASN B 13 -0.82 -5.71 -14.01
CA ASN B 13 -0.90 -4.43 -14.77
C ASN B 13 -2.08 -3.63 -14.24
N PRO B 14 -1.84 -2.47 -13.58
CA PRO B 14 -2.93 -1.70 -12.96
C PRO B 14 -3.82 -1.03 -14.01
N ARG B 15 -3.30 -0.87 -15.23
CA ARG B 15 -4.04 -0.34 -16.41
C ARG B 15 -5.25 -1.23 -16.70
N THR B 16 -5.10 -2.56 -16.51
CA THR B 16 -6.12 -3.59 -16.86
C THR B 16 -6.79 -4.17 -15.59
N ASN B 17 -6.11 -4.20 -14.45
CA ASN B 17 -6.63 -4.86 -13.22
C ASN B 17 -7.97 -4.22 -12.82
N LYS B 18 -9.04 -5.02 -12.76
CA LYS B 18 -10.40 -4.65 -12.29
C LYS B 18 -10.60 -5.18 -10.87
N GLY B 19 -9.67 -6.01 -10.39
CA GLY B 19 -9.82 -6.68 -9.09
C GLY B 19 -10.99 -7.64 -9.15
N MET B 20 -11.82 -7.64 -8.11
CA MET B 20 -13.02 -8.51 -8.04
C MET B 20 -14.09 -8.07 -9.04
N ALA B 21 -13.94 -6.90 -9.68
CA ALA B 21 -14.87 -6.40 -10.73
C ALA B 21 -14.57 -7.04 -12.09
N PHE B 22 -13.69 -8.04 -12.15
CA PHE B 22 -13.55 -8.96 -13.31
C PHE B 22 -14.79 -9.85 -13.34
N THR B 23 -15.57 -9.78 -14.41
CA THR B 23 -16.84 -10.55 -14.56
C THR B 23 -16.49 -12.04 -14.55
N LEU B 24 -17.48 -12.91 -14.35
CA LEU B 24 -17.27 -14.39 -14.32
C LEU B 24 -16.78 -14.88 -15.69
N GLN B 25 -17.31 -14.29 -16.77
CA GLN B 25 -16.89 -14.64 -18.16
C GLN B 25 -15.43 -14.25 -18.36
N GLU B 26 -15.06 -13.04 -17.95
CA GLU B 26 -13.69 -12.50 -18.10
C GLU B 26 -12.70 -13.40 -17.35
N ARG B 27 -13.08 -13.85 -16.16
CA ARG B 27 -12.25 -14.72 -15.29
C ARG B 27 -11.99 -16.06 -15.97
N GLN B 28 -13.02 -16.62 -16.61
CA GLN B 28 -12.97 -17.97 -17.22
C GLN B 28 -12.21 -17.89 -18.54
N MET B 29 -12.55 -16.92 -19.39
CA MET B 29 -12.02 -16.82 -20.78
C MET B 29 -10.56 -16.34 -20.77
N LEU B 30 -10.15 -15.57 -19.76
CA LEU B 30 -8.78 -14.98 -19.68
C LEU B 30 -7.97 -15.64 -18.55
N GLY B 31 -8.44 -16.78 -18.01
CA GLY B 31 -7.66 -17.63 -17.09
C GLY B 31 -7.37 -16.94 -15.76
N LEU B 32 -8.33 -16.17 -15.24
CA LEU B 32 -8.23 -15.52 -13.91
C LEU B 32 -8.99 -16.33 -12.85
N GLN B 33 -9.78 -17.33 -13.25
CA GLN B 33 -10.66 -18.08 -12.31
C GLN B 33 -9.78 -18.74 -11.25
N GLY B 34 -10.17 -18.55 -9.98
CA GLY B 34 -9.44 -19.07 -8.80
C GLY B 34 -8.38 -18.11 -8.33
N LEU B 35 -7.87 -17.22 -9.20
CA LEU B 35 -6.85 -16.21 -8.85
C LEU B 35 -7.54 -15.02 -8.17
N LEU B 36 -8.86 -14.92 -8.31
CA LEU B 36 -9.70 -13.90 -7.61
C LEU B 36 -10.64 -14.61 -6.65
N PRO B 37 -11.09 -13.95 -5.56
CA PRO B 37 -12.10 -14.53 -4.68
C PRO B 37 -13.39 -14.77 -5.46
N PRO B 38 -14.23 -15.76 -5.08
CA PRO B 38 -15.43 -16.09 -5.84
C PRO B 38 -16.42 -14.91 -5.98
N LYS B 39 -16.48 -14.05 -4.96
CA LYS B 39 -17.23 -12.75 -4.97
C LYS B 39 -16.92 -11.98 -6.25
N ILE B 40 -17.95 -11.43 -6.90
CA ILE B 40 -17.84 -10.49 -8.05
C ILE B 40 -18.43 -9.14 -7.62
N GLU B 41 -17.59 -8.12 -7.53
CA GLU B 41 -17.96 -6.76 -7.05
C GLU B 41 -18.28 -5.86 -8.24
N THR B 42 -18.82 -4.67 -7.95
CA THR B 42 -18.99 -3.54 -8.90
C THR B 42 -17.95 -2.48 -8.52
N GLN B 43 -17.67 -1.53 -9.42
CA GLN B 43 -16.79 -0.37 -9.11
C GLN B 43 -17.37 0.38 -7.89
N ASP B 44 -18.70 0.48 -7.81
CA ASP B 44 -19.44 1.18 -6.73
C ASP B 44 -19.09 0.56 -5.35
N ILE B 45 -18.85 -0.76 -5.30
CA ILE B 45 -18.46 -1.48 -4.05
C ILE B 45 -17.01 -1.14 -3.69
N GLN B 46 -16.12 -1.03 -4.69
CA GLN B 46 -14.68 -0.75 -4.50
C GLN B 46 -14.51 0.69 -4.01
N ALA B 47 -15.16 1.63 -4.70
CA ALA B 47 -15.21 3.07 -4.33
C ALA B 47 -15.66 3.20 -2.87
N LEU B 48 -16.62 2.37 -2.45
CA LEU B 48 -17.16 2.39 -1.07
C LEU B 48 -16.09 1.90 -0.10
N ARG B 49 -15.49 0.73 -0.39
CA ARG B 49 -14.40 0.13 0.43
C ARG B 49 -13.33 1.21 0.68
N PHE B 50 -12.94 1.91 -0.38
CA PHE B 50 -11.94 3.00 -0.35
C PHE B 50 -12.39 4.11 0.61
N HIS B 51 -13.63 4.60 0.49
CA HIS B 51 -14.16 5.74 1.28
C HIS B 51 -14.30 5.35 2.75
N ARG B 52 -14.62 4.09 3.04
CA ARG B 52 -14.69 3.55 4.42
C ARG B 52 -13.30 3.64 5.06
N ASN B 53 -12.26 3.19 4.34
CA ASN B 53 -10.86 3.13 4.85
C ASN B 53 -10.30 4.55 5.00
N LEU B 54 -10.73 5.47 4.13
CA LEU B 54 -10.20 6.86 4.11
C LEU B 54 -10.68 7.62 5.34
N LYS B 55 -11.90 7.33 5.82
CA LYS B 55 -12.50 7.98 7.02
C LYS B 55 -11.70 7.62 8.28
N LYS B 56 -11.16 6.40 8.36
CA LYS B 56 -10.40 5.91 9.54
C LYS B 56 -9.01 6.58 9.60
N MET B 57 -8.52 7.12 8.47
CA MET B 57 -7.16 7.71 8.35
C MET B 57 -7.17 9.17 8.81
N THR B 58 -6.06 9.60 9.43
CA THR B 58 -5.93 10.89 10.15
C THR B 58 -5.03 11.83 9.34
N SER B 59 -3.77 11.45 9.10
CA SER B 59 -2.75 12.34 8.50
C SER B 59 -2.97 12.43 6.99
N PRO B 60 -2.81 13.62 6.37
CA PRO B 60 -2.93 13.75 4.91
C PRO B 60 -1.92 12.90 4.13
N LEU B 61 -0.68 12.76 4.62
CA LEU B 61 0.39 11.99 3.94
C LEU B 61 -0.05 10.53 3.82
N GLU B 62 -0.53 9.93 4.91
CA GLU B 62 -1.10 8.56 4.95
C GLU B 62 -2.19 8.41 3.87
N LYS B 63 -3.02 9.45 3.68
CA LYS B 63 -4.10 9.46 2.65
C LYS B 63 -3.47 9.45 1.26
N TYR B 64 -2.39 10.24 1.06
CA TYR B 64 -1.63 10.34 -0.21
C TYR B 64 -1.05 8.97 -0.57
N ILE B 65 -0.40 8.30 0.38
CA ILE B 65 0.26 6.98 0.14
C ILE B 65 -0.80 5.97 -0.26
N TYR B 66 -1.95 5.96 0.42
CA TYR B 66 -3.12 5.09 0.10
C TYR B 66 -3.62 5.39 -1.31
N ILE B 67 -4.14 6.60 -1.53
CA ILE B 67 -4.77 7.01 -2.82
C ILE B 67 -3.79 6.71 -3.96
N MET B 68 -2.56 7.22 -3.88
CA MET B 68 -1.55 7.10 -4.97
C MET B 68 -1.14 5.63 -5.12
N GLY B 69 -1.27 4.84 -4.05
CA GLY B 69 -1.09 3.38 -4.07
C GLY B 69 -2.04 2.71 -5.06
N ILE B 70 -3.28 3.19 -5.11
CA ILE B 70 -4.38 2.59 -5.92
C ILE B 70 -4.05 2.78 -7.41
N GLN B 71 -3.35 3.87 -7.75
CA GLN B 71 -2.89 4.17 -9.14
C GLN B 71 -2.02 3.03 -9.67
N GLU B 72 -1.29 2.34 -8.78
CA GLU B 72 -0.32 1.28 -9.15
C GLU B 72 -0.93 -0.11 -8.94
N ARG B 73 -2.22 -0.16 -8.60
CA ARG B 73 -2.95 -1.43 -8.30
C ARG B 73 -4.15 -1.58 -9.25
N ASN B 74 -4.98 -0.54 -9.35
CA ASN B 74 -6.22 -0.52 -10.17
C ASN B 74 -6.44 0.91 -10.68
N GLU B 75 -5.98 1.20 -11.90
CA GLU B 75 -5.95 2.57 -12.47
C GLU B 75 -7.37 3.14 -12.58
N LYS B 76 -8.32 2.35 -13.09
CA LYS B 76 -9.73 2.76 -13.27
C LYS B 76 -10.27 3.20 -11.90
N LEU B 77 -10.13 2.35 -10.89
CA LEU B 77 -10.62 2.63 -9.51
C LEU B 77 -9.95 3.89 -8.97
N PHE B 78 -8.66 4.09 -9.29
CA PHE B 78 -7.89 5.29 -8.87
C PHE B 78 -8.67 6.54 -9.29
N TYR B 79 -9.03 6.63 -10.56
CA TYR B 79 -9.69 7.82 -11.17
C TYR B 79 -11.17 7.87 -10.79
N ARG B 80 -11.78 6.72 -10.47
CA ARG B 80 -13.19 6.65 -10.01
C ARG B 80 -13.32 7.38 -8.66
N ILE B 81 -12.45 7.08 -7.71
CA ILE B 81 -12.50 7.67 -6.34
C ILE B 81 -12.10 9.15 -6.41
N LEU B 82 -11.25 9.53 -7.37
CA LEU B 82 -10.89 10.96 -7.62
C LEU B 82 -12.11 11.69 -8.17
N GLN B 83 -12.82 11.09 -9.12
CA GLN B 83 -14.07 11.64 -9.72
C GLN B 83 -15.14 11.78 -8.62
N ASP B 84 -15.18 10.83 -7.68
CA ASP B 84 -16.25 10.70 -6.65
C ASP B 84 -16.30 11.96 -5.77
N ASP B 85 -15.17 12.61 -5.49
CA ASP B 85 -15.14 13.81 -4.62
C ASP B 85 -13.78 14.52 -4.74
N ILE B 86 -13.52 15.17 -5.87
CA ILE B 86 -12.18 15.77 -6.17
C ILE B 86 -11.94 17.01 -5.28
N GLU B 87 -12.97 17.67 -4.78
CA GLU B 87 -12.81 18.81 -3.82
C GLU B 87 -12.16 18.27 -2.54
N SER B 88 -12.70 17.17 -1.99
CA SER B 88 -12.16 16.45 -0.81
C SER B 88 -10.69 16.07 -1.02
N LEU B 89 -10.36 15.51 -2.18
CA LEU B 89 -9.10 14.76 -2.40
C LEU B 89 -8.04 15.65 -3.08
N MET B 90 -8.42 16.83 -3.59
CA MET B 90 -7.47 17.78 -4.26
C MET B 90 -6.36 18.15 -3.29
N PRO B 91 -6.65 18.56 -2.03
CA PRO B 91 -5.59 18.92 -1.09
C PRO B 91 -4.63 17.76 -0.76
N ILE B 92 -5.02 16.52 -1.04
CA ILE B 92 -4.25 15.29 -0.69
C ILE B 92 -3.33 14.93 -1.86
N VAL B 93 -3.92 14.72 -3.04
CA VAL B 93 -3.18 14.31 -4.27
C VAL B 93 -2.43 15.51 -4.84
N TYR B 94 -2.87 16.73 -4.52
CA TYR B 94 -2.31 18.01 -5.05
C TYR B 94 -1.84 18.87 -3.87
N THR B 95 -1.54 20.16 -4.12
CA THR B 95 -1.13 21.16 -3.10
C THR B 95 -2.18 21.20 -2.00
N PRO B 96 -1.80 21.20 -0.69
CA PRO B 96 -0.41 21.21 -0.26
C PRO B 96 0.30 19.85 -0.06
N THR B 97 -0.46 18.77 0.12
CA THR B 97 0.06 17.46 0.59
C THR B 97 1.15 16.91 -0.36
N VAL B 98 0.98 17.09 -1.68
CA VAL B 98 1.98 16.66 -2.71
C VAL B 98 3.36 17.27 -2.37
N GLY B 99 3.39 18.48 -1.81
CA GLY B 99 4.63 19.10 -1.30
C GLY B 99 5.24 18.30 -0.17
N LEU B 100 4.43 17.88 0.79
CA LEU B 100 4.86 17.00 1.91
C LEU B 100 5.38 15.68 1.31
N ALA B 101 4.63 15.11 0.37
CA ALA B 101 4.96 13.86 -0.34
C ALA B 101 6.35 13.99 -0.98
N CYS B 102 6.56 15.06 -1.75
CA CYS B 102 7.84 15.36 -2.44
C CYS B 102 8.96 15.51 -1.40
N SER B 103 8.71 16.27 -0.33
CA SER B 103 9.73 16.58 0.72
C SER B 103 10.33 15.29 1.27
N GLN B 104 9.53 14.22 1.42
CA GLN B 104 10.05 12.88 1.83
C GLN B 104 9.57 11.79 0.86
N TYR B 105 9.73 12.03 -0.45
CA TYR B 105 9.40 11.07 -1.55
C TYR B 105 10.16 9.76 -1.31
N GLY B 106 11.46 9.87 -1.03
CA GLY B 106 12.39 8.72 -0.87
C GLY B 106 12.07 7.85 0.33
N HIS B 107 11.35 8.38 1.33
CA HIS B 107 10.99 7.70 2.59
C HIS B 107 9.69 6.90 2.41
N ILE B 108 8.82 7.34 1.49
CA ILE B 108 7.47 6.74 1.25
C ILE B 108 7.49 5.91 -0.04
N PHE B 109 8.64 5.82 -0.71
CA PHE B 109 8.78 5.16 -2.03
C PHE B 109 8.35 3.69 -1.92
N ARG B 110 7.58 3.23 -2.91
CA ARG B 110 7.12 1.82 -3.05
C ARG B 110 7.40 1.36 -4.48
N ARG B 111 6.97 2.16 -5.45
CA ARG B 111 7.14 1.91 -6.90
C ARG B 111 7.53 3.21 -7.58
N PRO B 112 8.37 3.17 -8.63
CA PRO B 112 8.63 4.37 -9.41
C PRO B 112 7.35 4.79 -10.14
N LYS B 113 7.26 6.06 -10.49
CA LYS B 113 6.16 6.64 -11.31
C LYS B 113 6.82 7.55 -12.34
N GLY B 114 6.50 7.36 -13.62
CA GLY B 114 7.06 8.19 -14.71
C GLY B 114 8.51 7.85 -15.01
N LEU B 115 9.14 8.70 -15.82
CA LEU B 115 10.44 8.42 -16.50
C LEU B 115 11.53 9.32 -15.91
N PHE B 116 12.71 8.75 -15.63
CA PHE B 116 13.86 9.46 -15.01
C PHE B 116 14.99 9.55 -16.02
N ILE B 117 15.36 10.78 -16.38
CA ILE B 117 16.51 11.09 -17.30
C ILE B 117 17.54 11.83 -16.45
N SER B 118 18.74 11.26 -16.34
CA SER B 118 19.85 11.79 -15.52
C SER B 118 20.94 12.36 -16.44
N ILE B 119 21.75 13.28 -15.92
CA ILE B 119 22.91 13.88 -16.64
C ILE B 119 23.90 12.77 -16.98
N SER B 120 23.95 11.69 -16.20
CA SER B 120 24.81 10.51 -16.46
C SER B 120 24.31 9.75 -17.70
N ASP B 121 23.09 10.04 -18.16
CA ASP B 121 22.46 9.36 -19.33
C ASP B 121 22.63 10.23 -20.60
N ARG B 122 23.39 11.34 -20.52
CA ARG B 122 23.57 12.26 -21.68
C ARG B 122 24.08 11.45 -22.87
N GLY B 123 23.49 11.66 -24.04
CA GLY B 123 23.83 10.93 -25.30
C GLY B 123 23.01 9.66 -25.50
N HIS B 124 22.27 9.21 -24.49
CA HIS B 124 21.54 7.91 -24.49
C HIS B 124 20.07 8.10 -24.10
N VAL B 125 19.54 9.32 -24.23
CA VAL B 125 18.17 9.67 -23.73
C VAL B 125 17.12 8.99 -24.60
N ARG B 126 17.39 8.78 -25.90
CA ARG B 126 16.48 8.06 -26.82
C ARG B 126 16.24 6.65 -26.25
N SER B 127 17.32 5.93 -25.93
CA SER B 127 17.27 4.53 -25.41
C SER B 127 16.37 4.50 -24.18
N ILE B 128 16.47 5.51 -23.31
CA ILE B 128 15.63 5.66 -22.09
C ILE B 128 14.18 5.88 -22.52
N VAL B 129 13.93 6.89 -23.35
CA VAL B 129 12.56 7.21 -23.87
C VAL B 129 11.94 5.95 -24.48
N ASP B 130 12.74 5.15 -25.18
CA ASP B 130 12.31 3.90 -25.85
C ASP B 130 11.93 2.80 -24.83
N ASN B 131 12.28 2.96 -23.54
CA ASN B 131 11.98 1.94 -22.49
C ASN B 131 10.58 2.17 -21.91
N TRP B 132 9.99 3.37 -22.12
CA TRP B 132 8.59 3.66 -21.71
C TRP B 132 7.66 2.71 -22.47
N PRO B 133 6.88 1.85 -21.77
CA PRO B 133 6.10 0.81 -22.44
C PRO B 133 4.97 1.31 -23.37
N GLU B 134 4.36 2.47 -23.06
CA GLU B 134 3.24 3.05 -23.86
C GLU B 134 3.78 3.70 -25.14
N ASN B 135 3.04 3.54 -26.25
CA ASN B 135 3.48 3.92 -27.63
C ASN B 135 2.85 5.24 -28.08
N HIS B 136 1.65 5.58 -27.60
CA HIS B 136 0.85 6.75 -28.09
C HIS B 136 0.85 7.88 -27.05
N VAL B 137 2.01 8.25 -26.50
CA VAL B 137 2.13 9.37 -25.53
C VAL B 137 1.85 10.70 -26.26
N LYS B 138 0.93 11.50 -25.71
CA LYS B 138 0.47 12.80 -26.29
C LYS B 138 0.90 13.96 -25.40
N ALA B 139 1.13 13.72 -24.09
CA ALA B 139 1.35 14.78 -23.07
C ALA B 139 2.51 14.41 -22.15
N VAL B 140 3.46 15.32 -21.98
CA VAL B 140 4.61 15.20 -21.04
C VAL B 140 4.57 16.38 -20.08
N VAL B 141 4.64 16.10 -18.77
CA VAL B 141 4.93 17.10 -17.71
C VAL B 141 6.33 16.79 -17.19
N VAL B 142 7.24 17.77 -17.33
CA VAL B 142 8.70 17.62 -17.00
C VAL B 142 9.07 18.65 -15.92
N THR B 143 9.88 18.22 -14.96
CA THR B 143 10.59 19.10 -13.97
C THR B 143 12.04 18.63 -13.81
N ASP B 144 12.93 19.54 -13.43
CA ASP B 144 14.31 19.21 -12.95
C ASP B 144 14.37 19.39 -11.44
N GLY B 145 13.24 19.67 -10.79
CA GLY B 145 13.06 19.64 -9.33
C GLY B 145 13.64 20.85 -8.60
N GLU B 146 14.09 21.88 -9.34
CA GLU B 146 14.88 23.00 -8.78
C GLU B 146 13.98 23.97 -8.01
N ARG B 147 12.72 24.17 -8.44
CA ARG B 147 11.73 25.01 -7.72
C ARG B 147 10.41 24.25 -7.53
N ILE B 148 10.39 23.26 -6.64
CA ILE B 148 9.16 22.46 -6.33
C ILE B 148 8.32 23.29 -5.38
N LEU B 149 7.25 23.92 -5.88
CA LEU B 149 6.44 24.91 -5.12
C LEU B 149 7.39 25.92 -4.48
N GLY B 150 7.08 26.39 -3.26
CA GLY B 150 7.94 27.32 -2.49
C GLY B 150 8.96 26.57 -1.64
N LEU B 151 9.17 25.27 -1.90
CA LEU B 151 10.01 24.37 -1.08
C LEU B 151 11.44 24.34 -1.64
N GLY B 152 11.67 24.97 -2.79
CA GLY B 152 13.01 25.11 -3.39
C GLY B 152 13.44 23.86 -4.15
N ASP B 153 14.74 23.59 -4.12
CA ASP B 153 15.42 22.52 -4.91
C ASP B 153 15.28 21.20 -4.14
N LEU B 154 14.32 20.36 -4.54
CA LEU B 154 14.06 19.02 -3.92
C LEU B 154 14.62 17.91 -4.79
N GLY B 155 15.23 18.24 -5.93
CA GLY B 155 15.85 17.27 -6.85
C GLY B 155 14.84 16.26 -7.36
N VAL B 156 15.26 14.99 -7.46
CA VAL B 156 14.43 13.86 -7.99
C VAL B 156 13.16 13.69 -7.14
N TYR B 157 13.17 14.13 -5.87
CA TYR B 157 11.96 14.15 -4.99
C TYR B 157 10.86 14.96 -5.68
N GLY B 158 11.25 15.86 -6.59
CA GLY B 158 10.34 16.71 -7.38
C GLY B 158 9.43 15.93 -8.32
N MET B 159 9.76 14.67 -8.64
CA MET B 159 8.96 13.80 -9.54
C MET B 159 7.49 13.76 -9.09
N GLY B 160 7.24 13.84 -7.78
CA GLY B 160 5.88 13.90 -7.20
C GLY B 160 4.99 14.94 -7.86
N ILE B 161 5.58 16.03 -8.37
CA ILE B 161 4.81 17.17 -8.99
C ILE B 161 4.31 16.77 -10.38
N PRO B 162 5.17 16.37 -11.35
CA PRO B 162 4.67 15.87 -12.64
C PRO B 162 3.61 14.77 -12.51
N VAL B 163 3.81 13.83 -11.59
CA VAL B 163 2.84 12.71 -11.32
C VAL B 163 1.48 13.30 -10.95
N GLY B 164 1.47 14.20 -9.95
CA GLY B 164 0.25 14.91 -9.54
C GLY B 164 -0.37 15.68 -10.69
N LYS B 165 0.42 16.41 -11.46
CA LYS B 165 -0.10 17.19 -12.62
C LYS B 165 -0.85 16.25 -13.58
N LEU B 166 -0.27 15.10 -13.91
CA LEU B 166 -0.83 14.22 -14.97
C LEU B 166 -2.00 13.40 -14.43
N CYS B 167 -2.06 13.17 -13.11
CA CYS B 167 -3.29 12.66 -12.44
C CYS B 167 -4.46 13.61 -12.73
N LEU B 168 -4.21 14.93 -12.74
CA LEU B 168 -5.27 15.96 -12.87
C LEU B 168 -5.63 16.16 -14.36
N TYR B 169 -4.68 15.96 -15.27
CA TYR B 169 -4.94 15.81 -16.73
C TYR B 169 -6.14 14.87 -16.92
N THR B 170 -6.04 13.67 -16.35
CA THR B 170 -7.07 12.60 -16.48
C THR B 170 -8.31 12.95 -15.66
N ALA B 171 -8.13 13.26 -14.37
CA ALA B 171 -9.23 13.45 -13.40
C ALA B 171 -10.12 14.61 -13.86
N CYS B 172 -9.52 15.70 -14.35
CA CYS B 172 -10.21 16.98 -14.68
C CYS B 172 -10.68 16.98 -16.15
N ALA B 173 -9.78 16.70 -17.11
CA ALA B 173 -10.02 16.84 -18.56
C ALA B 173 -10.37 15.50 -19.22
N GLY B 174 -10.15 14.37 -18.54
CA GLY B 174 -10.34 13.04 -19.14
C GLY B 174 -9.35 12.79 -20.27
N ILE B 175 -8.13 13.32 -20.13
CA ILE B 175 -6.95 12.94 -20.96
C ILE B 175 -6.56 11.52 -20.56
N ARG B 176 -6.17 10.69 -21.54
CA ARG B 176 -5.92 9.24 -21.31
C ARG B 176 -4.66 9.07 -20.46
N PRO B 177 -4.73 8.34 -19.32
CA PRO B 177 -3.55 8.07 -18.50
C PRO B 177 -2.38 7.45 -19.28
N ASP B 178 -2.68 6.48 -20.16
CA ASP B 178 -1.66 5.74 -20.96
C ASP B 178 -1.08 6.66 -22.06
N ARG B 179 -1.69 7.83 -22.29
CA ARG B 179 -1.14 8.92 -23.14
C ARG B 179 -0.22 9.84 -22.31
N CYS B 180 -0.16 9.67 -20.99
CA CYS B 180 0.48 10.63 -20.05
C CYS B 180 1.83 10.09 -19.57
N LEU B 181 2.87 10.93 -19.69
CA LEU B 181 4.29 10.61 -19.40
C LEU B 181 4.87 11.66 -18.44
N PRO B 182 4.93 11.36 -17.12
CA PRO B 182 5.61 12.24 -16.17
C PRO B 182 7.13 12.01 -16.28
N VAL B 183 7.90 13.10 -16.36
CA VAL B 183 9.39 13.05 -16.56
C VAL B 183 10.07 13.88 -15.47
N CYS B 184 11.13 13.33 -14.89
CA CYS B 184 12.07 14.05 -14.00
C CYS B 184 13.44 14.10 -14.67
N ILE B 185 14.00 15.30 -14.82
CA ILE B 185 15.41 15.52 -15.28
C ILE B 185 16.28 15.65 -14.03
N ASP B 186 17.21 14.71 -13.84
CA ASP B 186 18.17 14.72 -12.70
C ASP B 186 19.53 15.18 -13.22
N VAL B 187 19.99 16.34 -12.76
CA VAL B 187 21.34 16.90 -13.09
C VAL B 187 22.08 17.14 -11.77
N GLY B 188 21.57 16.56 -10.69
CA GLY B 188 22.04 16.79 -9.32
C GLY B 188 21.05 17.63 -8.54
N THR B 189 21.39 17.94 -7.29
CA THR B 189 20.62 18.88 -6.43
C THR B 189 21.63 19.68 -5.58
N ASP B 190 21.32 20.95 -5.32
CA ASP B 190 22.08 21.86 -4.41
C ASP B 190 21.46 21.78 -3.00
N ASN B 191 20.49 20.89 -2.80
CA ASN B 191 19.80 20.70 -1.49
C ASN B 191 20.67 19.76 -0.63
N ILE B 192 21.51 20.36 0.23
CA ILE B 192 22.59 19.64 0.97
C ILE B 192 21.97 18.55 1.86
N ALA B 193 20.79 18.81 2.45
CA ALA B 193 20.05 17.85 3.32
C ALA B 193 19.83 16.53 2.56
N LEU B 194 19.51 16.61 1.26
CA LEU B 194 19.18 15.43 0.41
C LEU B 194 20.45 14.69 -0.02
N LEU B 195 21.57 15.40 -0.17
CA LEU B 195 22.87 14.81 -0.59
C LEU B 195 23.45 13.92 0.54
N LYS B 196 22.94 14.03 1.77
CA LYS B 196 23.32 13.08 2.87
C LYS B 196 22.07 12.33 3.35
N ASP B 197 21.01 12.26 2.53
CA ASP B 197 19.82 11.40 2.77
C ASP B 197 20.09 10.06 2.07
N PRO B 198 20.26 8.94 2.82
CA PRO B 198 20.57 7.65 2.21
C PRO B 198 19.43 7.09 1.35
N PHE B 199 18.25 7.72 1.40
CA PHE B 199 17.01 7.32 0.69
C PHE B 199 16.75 8.21 -0.53
N TYR B 200 17.60 9.22 -0.77
CA TYR B 200 17.44 10.15 -1.93
C TYR B 200 17.52 9.34 -3.22
N MET B 201 16.67 9.66 -4.19
CA MET B 201 16.42 8.82 -5.39
C MET B 201 17.17 9.39 -6.60
N GLY B 202 17.92 10.49 -6.42
CA GLY B 202 18.72 11.12 -7.49
C GLY B 202 20.21 10.86 -7.35
N LEU B 203 20.99 11.38 -8.30
CA LEU B 203 22.47 11.36 -8.27
C LEU B 203 22.95 12.19 -7.08
N TYR B 204 23.98 11.72 -6.39
CA TYR B 204 24.61 12.42 -5.23
C TYR B 204 25.63 13.43 -5.79
N GLN B 205 25.12 14.53 -6.36
CA GLN B 205 25.95 15.62 -6.94
C GLN B 205 25.19 16.95 -6.88
N LYS B 206 25.93 18.06 -6.83
CA LYS B 206 25.39 19.44 -6.94
C LYS B 206 24.93 19.66 -8.39
N ARG B 207 23.91 20.48 -8.60
CA ARG B 207 23.29 20.72 -9.92
C ARG B 207 24.37 21.07 -10.95
N ASP B 208 24.51 20.24 -11.99
CA ASP B 208 25.34 20.55 -13.20
C ASP B 208 24.70 21.76 -13.90
N ARG B 209 25.47 22.86 -14.01
CA ARG B 209 24.99 24.11 -14.64
C ARG B 209 25.86 24.45 -15.87
N THR B 210 26.70 23.51 -16.33
CA THR B 210 27.54 23.66 -17.54
C THR B 210 26.64 23.56 -18.79
N GLN B 211 27.24 23.53 -19.99
CA GLN B 211 26.52 23.37 -21.28
C GLN B 211 25.85 21.99 -21.34
N GLN B 212 26.37 21.02 -20.60
CA GLN B 212 25.82 19.64 -20.52
C GLN B 212 24.35 19.70 -20.09
N TYR B 213 24.00 20.63 -19.19
CA TYR B 213 22.60 20.87 -18.75
C TYR B 213 21.72 21.20 -19.97
N ASP B 214 22.00 22.33 -20.63
CA ASP B 214 21.26 22.82 -21.82
C ASP B 214 21.17 21.72 -22.89
N ASP B 215 22.30 21.05 -23.15
CA ASP B 215 22.43 19.98 -24.19
C ASP B 215 21.55 18.78 -23.80
N LEU B 216 21.46 18.46 -22.50
CA LEU B 216 20.59 17.37 -21.99
C LEU B 216 19.11 17.69 -22.26
N ILE B 217 18.67 18.91 -21.94
CA ILE B 217 17.24 19.34 -22.15
C ILE B 217 16.94 19.31 -23.66
N ASP B 218 17.87 19.76 -24.51
CA ASP B 218 17.77 19.67 -25.99
C ASP B 218 17.50 18.21 -26.39
N GLU B 219 18.32 17.29 -25.88
CA GLU B 219 18.29 15.84 -26.20
C GLU B 219 16.94 15.25 -25.76
N PHE B 220 16.48 15.59 -24.55
CA PHE B 220 15.17 15.17 -24.00
C PHE B 220 14.06 15.62 -24.94
N MET B 221 14.10 16.87 -25.38
CA MET B 221 13.11 17.45 -26.33
C MET B 221 13.16 16.67 -27.65
N LYS B 222 14.35 16.45 -28.21
CA LYS B 222 14.49 15.71 -29.50
C LYS B 222 14.02 14.25 -29.32
N ALA B 223 14.44 13.60 -28.23
CA ALA B 223 14.15 12.17 -27.93
C ALA B 223 12.64 11.94 -27.87
N ILE B 224 11.90 12.82 -27.16
CA ILE B 224 10.44 12.67 -26.90
C ILE B 224 9.67 12.78 -28.22
N THR B 225 9.86 13.88 -28.95
CA THR B 225 9.14 14.17 -30.23
C THR B 225 9.56 13.16 -31.30
N ASP B 226 10.83 12.74 -31.34
CA ASP B 226 11.33 11.74 -32.32
C ASP B 226 10.48 10.47 -32.21
N ARG B 227 10.21 10.00 -30.99
CA ARG B 227 9.46 8.73 -30.76
C ARG B 227 7.95 8.93 -30.97
N TYR B 228 7.40 9.99 -30.38
CA TYR B 228 5.95 10.12 -30.06
C TYR B 228 5.21 11.06 -31.02
N GLY B 229 5.91 12.01 -31.64
CA GLY B 229 5.33 13.01 -32.55
C GLY B 229 5.86 14.40 -32.27
N ARG B 230 6.07 15.20 -33.32
CA ARG B 230 6.71 16.54 -33.26
C ARG B 230 5.76 17.55 -32.60
N ASN B 231 4.47 17.21 -32.49
CA ASN B 231 3.40 18.04 -31.87
C ASN B 231 3.09 17.55 -30.44
N THR B 232 3.94 16.68 -29.89
CA THR B 232 3.81 16.11 -28.52
C THR B 232 3.84 17.27 -27.51
N LEU B 233 2.75 17.44 -26.75
CA LEU B 233 2.64 18.51 -25.72
C LEU B 233 3.63 18.23 -24.59
N ILE B 234 4.55 19.17 -24.37
CA ILE B 234 5.55 19.13 -23.26
C ILE B 234 5.29 20.33 -22.34
N GLN B 235 4.69 20.07 -21.18
CA GLN B 235 4.41 21.06 -20.10
C GLN B 235 5.61 21.09 -19.15
N PHE B 236 6.33 22.22 -19.10
CA PHE B 236 7.43 22.47 -18.13
C PHE B 236 6.82 22.92 -16.80
N GLU B 237 7.30 22.34 -15.70
CA GLU B 237 6.78 22.57 -14.33
C GLU B 237 7.95 22.66 -13.35
N ASP B 238 7.88 23.66 -12.45
CA ASP B 238 8.72 23.76 -11.24
C ASP B 238 10.20 23.63 -11.60
N PHE B 239 10.60 24.20 -12.75
CA PHE B 239 12.01 24.48 -13.11
C PHE B 239 12.45 25.76 -12.39
N GLY B 240 13.76 25.98 -12.28
CA GLY B 240 14.35 27.22 -11.74
C GLY B 240 14.04 28.42 -12.61
N ASN B 241 13.93 29.60 -11.99
CA ASN B 241 13.53 30.89 -12.63
C ASN B 241 14.29 31.09 -13.95
N HIS B 242 15.62 31.13 -13.87
CA HIS B 242 16.52 31.36 -15.03
C HIS B 242 16.18 30.38 -16.15
N ASN B 243 16.10 29.08 -15.82
CA ASN B 243 15.85 27.97 -16.79
C ASN B 243 14.44 28.08 -17.36
N ALA B 244 13.45 28.33 -16.50
CA ALA B 244 12.01 28.38 -16.87
C ALA B 244 11.82 29.24 -18.12
N PHE B 245 12.31 30.47 -18.08
CA PHE B 245 12.10 31.52 -19.12
C PHE B 245 12.82 31.14 -20.42
N ARG B 246 14.15 30.99 -20.35
CA ARG B 246 15.00 30.80 -21.56
C ARG B 246 14.58 29.52 -22.30
N PHE B 247 14.11 28.49 -21.58
CA PHE B 247 13.62 27.24 -22.20
C PHE B 247 12.26 27.50 -22.86
N LEU B 248 11.35 28.21 -22.18
CA LEU B 248 10.01 28.54 -22.74
C LEU B 248 10.20 29.25 -24.09
N ARG B 249 11.10 30.23 -24.19
CA ARG B 249 11.31 31.04 -25.42
C ARG B 249 12.08 30.22 -26.46
N LYS B 250 13.10 29.46 -26.05
CA LYS B 250 13.99 28.67 -26.94
C LYS B 250 13.19 27.59 -27.68
N TYR B 251 12.08 27.10 -27.10
CA TYR B 251 11.35 25.90 -27.58
C TYR B 251 9.92 26.20 -28.02
N ARG B 252 9.31 27.32 -27.59
CA ARG B 252 7.86 27.58 -27.81
C ARG B 252 7.54 27.64 -29.31
N GLU B 253 8.49 28.03 -30.16
CA GLU B 253 8.32 28.10 -31.64
C GLU B 253 8.72 26.76 -32.31
N LYS B 254 9.60 25.98 -31.67
CA LYS B 254 10.19 24.74 -32.24
C LYS B 254 9.35 23.50 -31.86
N TYR B 255 8.74 23.52 -30.66
CA TYR B 255 7.97 22.39 -30.10
C TYR B 255 6.61 22.87 -29.58
N CYS B 256 5.70 21.93 -29.33
CA CYS B 256 4.40 22.17 -28.67
C CYS B 256 4.60 22.17 -27.16
N THR B 257 4.97 23.31 -26.60
CA THR B 257 5.39 23.45 -25.19
C THR B 257 4.68 24.64 -24.54
N PHE B 258 4.69 24.66 -23.21
CA PHE B 258 4.37 25.84 -22.36
C PHE B 258 4.88 25.57 -20.95
N ASN B 259 5.08 26.63 -20.17
CA ASN B 259 5.48 26.54 -18.76
C ASN B 259 4.25 26.85 -17.91
N ASP B 260 3.78 25.88 -17.13
CA ASP B 260 2.53 25.96 -16.32
C ASP B 260 2.65 27.09 -15.30
N ASP B 261 3.87 27.34 -14.81
CA ASP B 261 4.13 28.27 -13.67
C ASP B 261 4.07 29.71 -14.18
N ILE B 262 4.57 29.94 -15.39
CA ILE B 262 4.52 31.27 -16.07
C ILE B 262 3.10 31.45 -16.64
N GLN B 263 2.73 30.61 -17.59
CA GLN B 263 1.57 30.85 -18.49
C GLN B 263 0.28 30.33 -17.85
N GLY B 264 0.32 29.15 -17.25
CA GLY B 264 -0.86 28.55 -16.57
C GLY B 264 -1.33 29.40 -15.41
N THR B 265 -0.38 29.91 -14.61
CA THR B 265 -0.63 30.79 -13.44
C THR B 265 -1.26 32.10 -13.92
N ALA B 266 -0.64 32.73 -14.92
CA ALA B 266 -1.11 33.96 -15.60
C ALA B 266 -2.59 33.83 -15.96
N ALA B 267 -2.98 32.70 -16.56
CA ALA B 267 -4.36 32.43 -17.03
C ALA B 267 -5.31 32.43 -15.83
N VAL B 268 -4.96 31.72 -14.75
CA VAL B 268 -5.87 31.54 -13.58
C VAL B 268 -5.93 32.86 -12.77
N ALA B 269 -4.80 33.56 -12.64
CA ALA B 269 -4.72 34.86 -11.94
C ALA B 269 -5.68 35.87 -12.59
N LEU B 270 -5.50 36.12 -13.89
CA LEU B 270 -6.33 37.08 -14.68
C LEU B 270 -7.82 36.73 -14.48
N ALA B 271 -8.20 35.49 -14.77
CA ALA B 271 -9.59 34.98 -14.60
C ALA B 271 -10.14 35.40 -13.24
N GLY B 272 -9.27 35.42 -12.22
CA GLY B 272 -9.60 35.86 -10.85
C GLY B 272 -9.79 37.36 -10.76
N LEU B 273 -8.85 38.12 -11.35
CA LEU B 273 -8.90 39.62 -11.46
C LEU B 273 -10.12 40.06 -12.27
N LEU B 274 -10.51 39.30 -13.30
CA LEU B 274 -11.68 39.57 -14.18
C LEU B 274 -12.99 39.30 -13.40
N ALA B 275 -12.95 38.38 -12.43
CA ALA B 275 -14.08 38.09 -11.51
C ALA B 275 -14.20 39.27 -10.53
N ALA B 276 -13.06 39.69 -9.97
CA ALA B 276 -12.92 40.81 -9.03
C ALA B 276 -13.45 42.10 -9.67
N GLN B 277 -13.06 42.35 -10.93
CA GLN B 277 -13.42 43.58 -11.69
C GLN B 277 -14.92 43.60 -11.99
N LYS B 278 -15.57 42.42 -12.06
CA LYS B 278 -17.05 42.30 -12.28
C LYS B 278 -17.80 42.74 -11.02
N VAL B 279 -17.21 42.55 -9.84
CA VAL B 279 -17.80 42.99 -8.54
C VAL B 279 -17.51 44.49 -8.35
N ILE B 280 -16.23 44.87 -8.37
CA ILE B 280 -15.75 46.27 -8.11
C ILE B 280 -16.34 47.20 -9.17
N SER B 281 -16.10 46.92 -10.46
CA SER B 281 -16.54 47.70 -11.64
C SER B 281 -15.84 49.08 -11.65
N LYS B 282 -14.56 49.14 -11.25
CA LYS B 282 -13.79 50.41 -11.16
C LYS B 282 -13.24 50.73 -12.56
N PRO B 283 -12.77 51.96 -12.83
CA PRO B 283 -12.32 52.34 -14.17
C PRO B 283 -10.92 51.79 -14.41
N ILE B 284 -10.66 51.35 -15.65
CA ILE B 284 -9.47 50.55 -16.04
C ILE B 284 -8.20 51.43 -15.92
N SER B 285 -8.39 52.75 -15.77
CA SER B 285 -7.32 53.76 -15.58
C SER B 285 -6.86 53.83 -14.12
N GLU B 286 -7.74 53.49 -13.16
CA GLU B 286 -7.46 53.52 -11.69
C GLU B 286 -7.07 52.13 -11.19
N HIS B 287 -6.13 51.47 -11.89
CA HIS B 287 -5.63 50.11 -11.57
C HIS B 287 -4.12 50.19 -11.33
N LYS B 288 -3.69 50.04 -10.06
CA LYS B 288 -2.26 49.90 -9.70
C LYS B 288 -2.08 48.52 -9.07
N ILE B 289 -1.39 47.62 -9.79
CA ILE B 289 -1.14 46.20 -9.39
C ILE B 289 0.27 46.12 -8.81
N LEU B 290 0.40 45.66 -7.57
CA LEU B 290 1.72 45.49 -6.88
C LEU B 290 1.97 44.00 -6.67
N PHE B 291 3.13 43.52 -7.09
CA PHE B 291 3.58 42.12 -6.91
C PHE B 291 4.59 42.06 -5.76
N LEU B 292 4.35 41.14 -4.82
CA LEU B 292 5.42 40.59 -3.95
C LEU B 292 6.03 39.40 -4.71
N GLY B 293 7.28 39.55 -5.17
CA GLY B 293 7.98 38.57 -6.01
C GLY B 293 7.98 38.98 -7.48
N ALA B 294 9.13 38.85 -8.14
CA ALA B 294 9.36 39.29 -9.54
C ALA B 294 9.97 38.13 -10.34
N GLY B 295 9.34 36.96 -10.26
CA GLY B 295 9.78 35.72 -10.94
C GLY B 295 8.69 35.13 -11.81
N GLU B 296 8.83 33.84 -12.15
CA GLU B 296 8.02 33.10 -13.15
C GLU B 296 6.55 33.55 -13.07
N ALA B 297 5.93 33.37 -11.90
CA ALA B 297 4.50 33.64 -11.65
C ALA B 297 4.19 35.14 -11.79
N ALA B 298 5.10 36.00 -11.31
CA ALA B 298 4.93 37.47 -11.28
C ALA B 298 4.91 38.01 -12.72
N LEU B 299 5.99 37.76 -13.46
CA LEU B 299 6.23 38.26 -14.83
C LEU B 299 5.21 37.63 -15.79
N GLY B 300 4.88 36.35 -15.57
CA GLY B 300 3.84 35.64 -16.33
C GLY B 300 2.49 36.34 -16.22
N ILE B 301 1.96 36.45 -15.00
CA ILE B 301 0.65 37.10 -14.69
C ILE B 301 0.64 38.53 -15.26
N ALA B 302 1.73 39.27 -15.01
CA ALA B 302 1.92 40.68 -15.44
C ALA B 302 1.71 40.81 -16.95
N ASN B 303 2.41 39.99 -17.73
CA ASN B 303 2.42 40.03 -19.22
C ASN B 303 1.01 39.73 -19.75
N LEU B 304 0.23 38.88 -19.08
CA LEU B 304 -1.12 38.48 -19.54
C LEU B 304 -2.16 39.51 -19.08
N ILE B 305 -1.89 40.23 -17.99
CA ILE B 305 -2.74 41.38 -17.56
C ILE B 305 -2.64 42.44 -18.66
N VAL B 306 -1.41 42.95 -18.88
CA VAL B 306 -1.05 43.89 -19.99
C VAL B 306 -1.84 43.51 -21.24
N MET B 307 -1.83 42.22 -21.59
CA MET B 307 -2.39 41.71 -22.87
C MET B 307 -3.90 41.98 -22.91
N SER B 308 -4.64 41.67 -21.84
CA SER B 308 -6.12 41.85 -21.78
C SER B 308 -6.48 43.32 -21.60
N MET B 309 -5.56 44.12 -21.01
CA MET B 309 -5.71 45.60 -20.90
C MET B 309 -5.57 46.22 -22.30
N VAL B 310 -4.52 45.84 -23.03
CA VAL B 310 -4.27 46.24 -24.45
C VAL B 310 -5.47 45.82 -25.30
N GLU B 311 -6.00 44.62 -25.04
CA GLU B 311 -7.14 44.02 -25.79
C GLU B 311 -8.44 44.79 -25.45
N ASN B 312 -8.53 45.37 -24.25
CA ASN B 312 -9.79 45.90 -23.65
C ASN B 312 -9.79 47.45 -23.68
N GLY B 313 -8.71 48.09 -24.14
CA GLY B 313 -8.64 49.56 -24.25
C GLY B 313 -7.25 50.09 -24.55
N LEU B 314 -6.44 50.28 -23.50
CA LEU B 314 -5.29 51.25 -23.47
C LEU B 314 -4.07 50.68 -24.19
N SER B 315 -2.96 51.41 -24.14
CA SER B 315 -1.67 51.08 -24.81
C SER B 315 -0.96 49.94 -24.08
N GLU B 316 0.12 49.42 -24.68
CA GLU B 316 1.03 48.40 -24.08
C GLU B 316 1.97 49.08 -23.08
N GLN B 317 2.43 50.29 -23.40
CA GLN B 317 3.37 51.08 -22.55
C GLN B 317 2.60 51.70 -21.37
N GLU B 318 1.30 51.99 -21.56
CA GLU B 318 0.40 52.52 -20.50
C GLU B 318 0.16 51.44 -19.44
N ALA B 319 0.07 50.17 -19.84
CA ALA B 319 -0.29 49.02 -18.99
C ALA B 319 0.86 48.67 -18.03
N GLN B 320 2.11 48.80 -18.48
CA GLN B 320 3.33 48.37 -17.75
C GLN B 320 3.60 49.29 -16.56
N LYS B 321 3.32 50.59 -16.67
CA LYS B 321 3.49 51.60 -15.59
C LYS B 321 2.50 51.31 -14.45
N LYS B 322 1.39 50.64 -14.76
CA LYS B 322 0.31 50.27 -13.79
C LYS B 322 0.71 49.05 -12.95
N ILE B 323 1.73 48.28 -13.39
CA ILE B 323 2.26 47.09 -12.65
C ILE B 323 3.56 47.49 -11.95
N TRP B 324 3.67 47.20 -10.65
CA TRP B 324 4.91 47.36 -9.84
C TRP B 324 5.30 46.00 -9.23
N MET B 325 6.59 45.82 -8.90
CA MET B 325 7.16 44.54 -8.41
C MET B 325 8.16 44.82 -7.28
N PHE B 326 8.02 44.09 -6.17
CA PHE B 326 8.91 44.10 -4.99
C PHE B 326 9.48 42.68 -4.78
N ASP B 327 10.78 42.50 -5.01
CA ASP B 327 11.47 41.19 -4.90
C ASP B 327 12.25 41.12 -3.58
N LYS B 328 13.20 40.19 -3.46
CA LYS B 328 14.00 39.92 -2.23
C LYS B 328 14.82 41.15 -1.82
N TYR B 329 15.19 42.01 -2.77
CA TYR B 329 16.23 43.07 -2.60
C TYR B 329 15.59 44.45 -2.40
N GLY B 330 14.33 44.62 -2.81
CA GLY B 330 13.60 45.89 -2.76
C GLY B 330 12.71 46.06 -3.97
N LEU B 331 11.98 47.18 -4.04
CA LEU B 331 11.08 47.52 -5.17
C LEU B 331 11.90 47.61 -6.47
N LEU B 332 11.34 47.10 -7.57
CA LEU B 332 11.99 47.11 -8.91
C LEU B 332 11.95 48.54 -9.47
N VAL B 333 13.05 49.29 -9.28
CA VAL B 333 13.18 50.71 -9.72
C VAL B 333 14.53 50.89 -10.44
N LYS B 334 14.53 51.66 -11.53
CA LYS B 334 15.69 51.86 -12.42
C LYS B 334 16.87 52.37 -11.58
N GLY B 335 18.04 51.75 -11.72
CA GLY B 335 19.28 52.17 -11.03
C GLY B 335 19.48 51.49 -9.69
N ARG B 336 18.57 50.59 -9.28
CA ARG B 336 18.69 49.84 -7.99
C ARG B 336 19.93 48.94 -8.09
N LYS B 337 20.68 48.80 -6.99
CA LYS B 337 21.98 48.09 -6.93
C LYS B 337 21.79 46.62 -7.33
N ALA B 338 20.69 46.00 -6.90
CA ALA B 338 20.32 44.59 -7.19
C ALA B 338 20.01 44.44 -8.69
N LYS B 339 20.12 43.22 -9.21
CA LYS B 339 20.06 42.89 -10.67
C LYS B 339 18.64 43.08 -11.20
N ILE B 340 18.50 43.26 -12.52
CA ILE B 340 17.22 43.28 -13.28
C ILE B 340 17.43 42.49 -14.58
N ASP B 341 16.67 41.40 -14.78
CA ASP B 341 16.69 40.61 -16.05
C ASP B 341 15.81 41.33 -17.08
N SER B 342 15.83 40.86 -18.33
CA SER B 342 15.23 41.54 -19.51
C SER B 342 13.69 41.52 -19.43
N TYR B 343 13.10 40.50 -18.80
CA TYR B 343 11.63 40.35 -18.64
C TYR B 343 11.12 41.30 -17.54
N GLN B 344 12.01 41.72 -16.63
CA GLN B 344 11.71 42.60 -15.47
C GLN B 344 11.79 44.08 -15.92
N GLU B 345 12.47 44.35 -17.05
CA GLU B 345 12.68 45.70 -17.63
C GLU B 345 11.35 46.45 -17.78
N PRO B 346 10.30 45.85 -18.41
CA PRO B 346 9.05 46.56 -18.67
C PRO B 346 8.31 46.98 -17.40
N PHE B 347 8.63 46.36 -16.26
CA PHE B 347 7.94 46.56 -14.96
C PHE B 347 8.86 47.24 -13.94
N THR B 348 10.12 47.50 -14.32
CA THR B 348 11.07 48.36 -13.57
C THR B 348 10.83 49.82 -13.99
N HIS B 349 10.59 50.71 -13.03
CA HIS B 349 10.22 52.14 -13.27
C HIS B 349 11.19 53.06 -12.52
N SER B 350 11.29 54.32 -12.96
CA SER B 350 12.09 55.37 -12.26
C SER B 350 11.55 55.51 -10.83
N ALA B 351 12.46 55.57 -9.86
CA ALA B 351 12.16 55.54 -8.41
C ALA B 351 11.13 56.64 -8.06
N PRO B 352 10.12 56.34 -7.20
CA PRO B 352 9.19 57.37 -6.74
C PRO B 352 9.84 58.27 -5.68
N GLU B 353 9.05 59.16 -5.05
CA GLU B 353 9.54 60.17 -4.07
C GLU B 353 10.38 59.49 -2.97
N SER B 354 9.76 58.57 -2.22
CA SER B 354 10.42 57.72 -1.18
C SER B 354 10.43 56.25 -1.66
N ILE B 355 11.59 55.58 -1.52
CA ILE B 355 11.78 54.14 -1.88
C ILE B 355 11.45 53.29 -0.65
N PRO B 356 10.53 52.30 -0.76
CA PRO B 356 10.21 51.41 0.36
C PRO B 356 11.39 50.52 0.79
N ASP B 357 11.50 50.29 2.10
CA ASP B 357 12.47 49.32 2.71
C ASP B 357 11.79 47.95 2.87
N THR B 358 10.53 47.96 3.29
CA THR B 358 9.66 46.76 3.47
C THR B 358 8.43 46.87 2.55
N PHE B 359 7.64 45.81 2.45
CA PHE B 359 6.49 45.68 1.51
C PHE B 359 5.31 46.54 1.99
N GLU B 360 5.17 46.74 3.30
CA GLU B 360 4.10 47.60 3.89
C GLU B 360 4.33 49.05 3.47
N ASP B 361 5.58 49.52 3.52
CA ASP B 361 5.98 50.88 3.08
C ASP B 361 5.64 51.05 1.60
N ALA B 362 5.74 49.98 0.80
CA ALA B 362 5.44 49.96 -0.65
C ALA B 362 3.93 50.02 -0.90
N VAL B 363 3.12 49.50 0.03
CA VAL B 363 1.63 49.55 -0.07
C VAL B 363 1.17 51.00 0.16
N ASN B 364 1.76 51.68 1.14
CA ASN B 364 1.37 53.07 1.55
C ASN B 364 1.85 54.06 0.49
N ILE B 365 3.08 53.91 -0.02
CA ILE B 365 3.75 54.84 -0.98
C ILE B 365 3.08 54.77 -2.35
N LEU B 366 2.78 53.57 -2.85
CA LEU B 366 2.22 53.33 -4.22
C LEU B 366 0.68 53.33 -4.18
N LYS B 367 0.08 53.05 -3.02
CA LYS B 367 -1.40 53.00 -2.82
C LYS B 367 -2.05 52.13 -3.92
N PRO B 368 -1.64 50.85 -4.05
CA PRO B 368 -2.15 49.98 -5.11
C PRO B 368 -3.57 49.48 -4.82
N SER B 369 -4.34 49.21 -5.88
CA SER B 369 -5.75 48.71 -5.81
C SER B 369 -5.77 47.19 -5.66
N THR B 370 -4.67 46.51 -6.04
CA THR B 370 -4.52 45.03 -6.00
C THR B 370 -3.08 44.65 -5.67
N ILE B 371 -2.89 43.77 -4.68
CA ILE B 371 -1.58 43.11 -4.37
C ILE B 371 -1.67 41.63 -4.74
N ILE B 372 -0.59 41.06 -5.27
CA ILE B 372 -0.47 39.63 -5.66
C ILE B 372 0.86 39.11 -5.12
N GLY B 373 0.80 38.02 -4.35
CA GLY B 373 1.96 37.40 -3.68
C GLY B 373 2.38 36.12 -4.38
N VAL B 374 3.61 36.10 -4.90
CA VAL B 374 4.23 34.94 -5.59
C VAL B 374 5.73 34.97 -5.28
N ALA B 375 6.06 35.01 -3.98
CA ALA B 375 7.44 35.05 -3.46
C ALA B 375 7.83 33.67 -2.90
N GLY B 376 6.85 32.88 -2.47
CA GLY B 376 7.07 31.58 -1.79
C GLY B 376 7.96 31.76 -0.56
N ALA B 377 7.76 32.85 0.18
CA ALA B 377 8.66 33.32 1.26
C ALA B 377 7.91 33.44 2.59
N GLY B 378 6.67 32.93 2.67
CA GLY B 378 5.86 32.91 3.90
C GLY B 378 4.93 34.12 4.02
N ARG B 379 4.51 34.43 5.24
CA ARG B 379 3.39 35.37 5.57
C ARG B 379 3.86 36.82 5.49
N LEU B 380 4.07 37.33 4.27
CA LEU B 380 4.61 38.70 4.05
C LEU B 380 3.48 39.71 3.83
N PHE B 381 2.27 39.23 3.50
CA PHE B 381 0.99 40.02 3.61
C PHE B 381 0.60 40.04 5.09
N THR B 382 1.43 40.72 5.88
CA THR B 382 1.33 40.85 7.37
C THR B 382 0.00 41.52 7.70
N PRO B 383 -0.49 41.41 8.96
CA PRO B 383 -1.71 42.12 9.36
C PRO B 383 -1.69 43.62 8.98
N ASP B 384 -0.54 44.27 9.12
CA ASP B 384 -0.35 45.71 8.78
C ASP B 384 -0.56 45.91 7.27
N VAL B 385 0.10 45.07 6.45
CA VAL B 385 -0.01 45.12 4.96
C VAL B 385 -1.50 44.98 4.58
N ILE B 386 -2.23 44.06 5.22
CA ILE B 386 -3.66 43.77 4.91
C ILE B 386 -4.54 44.96 5.36
N ARG B 387 -4.34 45.46 6.58
CA ARG B 387 -5.06 46.63 7.14
C ARG B 387 -4.86 47.83 6.21
N ALA B 388 -3.59 48.19 5.95
CA ALA B 388 -3.17 49.31 5.07
C ALA B 388 -3.85 49.19 3.70
N MET B 389 -4.00 47.97 3.19
CA MET B 389 -4.63 47.65 1.88
C MET B 389 -6.15 47.88 1.96
N ALA B 390 -6.76 47.63 3.13
CA ALA B 390 -8.21 47.83 3.40
C ALA B 390 -8.49 49.31 3.70
N SER B 391 -7.52 50.01 4.27
CA SER B 391 -7.54 51.48 4.52
C SER B 391 -7.61 52.23 3.18
N ILE B 392 -6.72 51.88 2.25
CA ILE B 392 -6.50 52.58 0.95
C ILE B 392 -7.65 52.29 -0.03
N ASN B 393 -8.33 51.14 0.12
CA ASN B 393 -9.33 50.66 -0.88
C ASN B 393 -10.64 50.26 -0.17
N GLU B 394 -11.77 50.63 -0.76
CA GLU B 394 -13.13 50.22 -0.32
C GLU B 394 -13.28 48.71 -0.53
N ARG B 395 -12.77 48.18 -1.64
CA ARG B 395 -12.74 46.73 -1.97
C ARG B 395 -11.36 46.38 -2.53
N PRO B 396 -10.35 46.12 -1.66
CA PRO B 396 -9.01 45.74 -2.13
C PRO B 396 -8.95 44.28 -2.61
N VAL B 397 -8.09 43.99 -3.59
CA VAL B 397 -7.87 42.62 -4.14
C VAL B 397 -6.54 42.09 -3.60
N ILE B 398 -6.62 41.04 -2.79
CA ILE B 398 -5.45 40.36 -2.14
C ILE B 398 -5.38 38.92 -2.65
N PHE B 399 -4.36 38.62 -3.48
CA PHE B 399 -4.08 37.28 -4.05
C PHE B 399 -2.78 36.76 -3.42
N ALA B 400 -2.92 35.84 -2.45
CA ALA B 400 -1.81 35.13 -1.79
C ALA B 400 -1.68 33.74 -2.45
N LEU B 401 -0.91 33.68 -3.54
CA LEU B 401 -0.92 32.54 -4.49
C LEU B 401 0.23 31.57 -4.19
N SER B 402 1.22 31.97 -3.39
CA SER B 402 2.42 31.14 -3.07
C SER B 402 1.99 29.80 -2.47
N ASN B 403 2.69 28.72 -2.82
CA ASN B 403 2.39 27.32 -2.41
C ASN B 403 3.66 26.64 -1.87
N PRO B 404 3.54 25.68 -0.92
CA PRO B 404 2.27 25.32 -0.30
C PRO B 404 1.78 26.33 0.76
N THR B 405 0.78 25.92 1.56
CA THR B 405 0.03 26.75 2.54
C THR B 405 0.97 27.55 3.45
N ALA B 406 2.02 26.93 3.99
CA ALA B 406 3.00 27.58 4.89
C ALA B 406 3.69 28.76 4.17
N GLN B 407 3.93 28.62 2.86
CA GLN B 407 4.64 29.63 2.03
C GLN B 407 3.67 30.73 1.57
N ALA B 408 2.36 30.53 1.76
CA ALA B 408 1.31 31.52 1.43
C ALA B 408 1.54 32.83 2.20
N GLU B 409 1.26 33.96 1.55
CA GLU B 409 1.49 35.34 2.05
C GLU B 409 0.53 35.67 3.20
N CYS B 410 -0.68 35.11 3.18
CA CYS B 410 -1.71 35.21 4.27
C CYS B 410 -2.81 34.16 4.07
N THR B 411 -3.68 34.01 5.07
CA THR B 411 -4.82 33.05 5.09
C THR B 411 -6.10 33.76 4.62
N ALA B 412 -7.14 32.96 4.30
CA ALA B 412 -8.50 33.44 3.96
C ALA B 412 -9.10 34.20 5.15
N GLU B 413 -8.95 33.65 6.38
CA GLU B 413 -9.44 34.29 7.64
C GLU B 413 -8.76 35.65 7.82
N GLU B 414 -7.42 35.68 7.82
CA GLU B 414 -6.60 36.90 7.97
C GLU B 414 -7.06 37.98 6.97
N ALA B 415 -7.39 37.59 5.74
CA ALA B 415 -7.78 38.50 4.64
C ALA B 415 -9.20 39.04 4.88
N TYR B 416 -10.17 38.15 5.11
CA TYR B 416 -11.61 38.50 5.25
C TYR B 416 -11.88 39.21 6.58
N THR B 417 -11.07 38.96 7.62
CA THR B 417 -11.25 39.52 8.99
C THR B 417 -10.69 40.94 9.05
N LEU B 418 -9.40 41.12 8.74
CA LEU B 418 -8.65 42.40 8.95
C LEU B 418 -9.17 43.51 8.00
N THR B 419 -9.91 43.14 6.94
CA THR B 419 -10.54 44.08 5.97
C THR B 419 -12.06 44.10 6.17
N GLU B 420 -12.56 43.42 7.22
CA GLU B 420 -13.98 43.47 7.65
C GLU B 420 -14.91 43.01 6.52
N GLY B 421 -14.46 42.01 5.74
CA GLY B 421 -15.26 41.34 4.68
C GLY B 421 -15.39 42.20 3.44
N ARG B 422 -14.45 43.12 3.22
CA ARG B 422 -14.46 44.04 2.05
C ARG B 422 -13.63 43.42 0.92
N CYS B 423 -12.46 42.86 1.26
CA CYS B 423 -11.44 42.32 0.30
C CYS B 423 -12.07 41.27 -0.63
N LEU B 424 -11.58 41.22 -1.87
CA LEU B 424 -11.79 40.07 -2.79
C LEU B 424 -10.49 39.23 -2.77
N PHE B 425 -10.63 37.96 -2.38
CA PHE B 425 -9.51 37.07 -1.99
C PHE B 425 -9.48 35.81 -2.86
N ALA B 426 -8.26 35.43 -3.26
CA ALA B 426 -7.94 34.10 -3.83
C ALA B 426 -6.62 33.63 -3.24
N SER B 427 -6.47 32.31 -3.10
CA SER B 427 -5.27 31.61 -2.57
C SER B 427 -4.77 30.58 -3.59
N GLY B 428 -3.46 30.28 -3.57
CA GLY B 428 -2.87 29.19 -4.37
C GLY B 428 -3.23 27.84 -3.77
N SER B 429 -3.04 27.71 -2.47
CA SER B 429 -3.39 26.52 -1.66
C SER B 429 -4.80 26.68 -1.11
N PRO B 430 -5.56 25.58 -0.90
CA PRO B 430 -6.98 25.68 -0.53
C PRO B 430 -7.21 26.05 0.94
N PHE B 431 -7.97 27.11 1.18
CA PHE B 431 -8.54 27.46 2.51
C PHE B 431 -10.04 27.16 2.50
N GLY B 432 -10.58 26.79 3.66
CA GLY B 432 -12.01 26.51 3.87
C GLY B 432 -12.83 27.79 3.98
N PRO B 433 -14.18 27.70 4.07
CA PRO B 433 -15.01 28.88 4.32
C PRO B 433 -14.65 29.63 5.62
N VAL B 434 -14.77 30.96 5.58
CA VAL B 434 -14.56 31.86 6.76
C VAL B 434 -15.91 32.43 7.20
N LYS B 435 -16.25 32.29 8.48
CA LYS B 435 -17.44 32.93 9.11
C LYS B 435 -16.96 34.03 10.05
N LEU B 436 -17.35 35.28 9.77
CA LEU B 436 -16.96 36.47 10.58
C LEU B 436 -17.96 36.64 11.74
N THR B 437 -17.66 37.57 12.65
CA THR B 437 -18.38 37.80 13.94
C THR B 437 -19.87 38.03 13.69
N ASP B 438 -20.24 38.67 12.57
CA ASP B 438 -21.63 39.09 12.24
C ASP B 438 -22.36 38.02 11.42
N GLY B 439 -21.79 36.82 11.31
CA GLY B 439 -22.47 35.63 10.75
C GLY B 439 -22.40 35.58 9.23
N ARG B 440 -21.52 36.37 8.63
CA ARG B 440 -21.28 36.41 7.15
C ARG B 440 -20.27 35.30 6.79
N VAL B 441 -20.67 34.37 5.91
CA VAL B 441 -19.84 33.22 5.42
C VAL B 441 -19.18 33.63 4.10
N PHE B 442 -17.83 33.56 4.06
CA PHE B 442 -16.99 33.84 2.86
C PHE B 442 -16.26 32.57 2.44
N THR B 443 -16.58 32.05 1.26
CA THR B 443 -15.95 30.83 0.64
C THR B 443 -14.86 31.29 -0.33
N PRO B 444 -13.56 31.20 0.04
CA PRO B 444 -12.49 31.68 -0.81
C PRO B 444 -12.26 30.76 -2.03
N GLY B 445 -11.94 31.35 -3.18
CA GLY B 445 -11.60 30.64 -4.41
C GLY B 445 -10.11 30.32 -4.45
N GLN B 446 -9.73 29.30 -5.21
CA GLN B 446 -8.33 28.84 -5.34
C GLN B 446 -7.75 29.34 -6.67
N GLY B 447 -6.90 30.36 -6.63
CA GLY B 447 -6.16 30.89 -7.80
C GLY B 447 -4.94 30.04 -8.12
N ASN B 448 -5.18 28.81 -8.59
CA ASN B 448 -4.12 27.80 -8.88
C ASN B 448 -4.28 27.32 -10.33
N ASN B 449 -3.16 27.07 -11.03
CA ASN B 449 -3.11 26.74 -12.47
C ASN B 449 -3.76 25.38 -12.76
N VAL B 450 -4.25 24.66 -11.75
CA VAL B 450 -5.06 23.41 -11.91
C VAL B 450 -6.34 23.71 -12.71
N TYR B 451 -6.86 24.93 -12.63
CA TYR B 451 -8.11 25.36 -13.33
C TYR B 451 -7.87 25.46 -14.84
N ILE B 452 -6.61 25.63 -15.25
CA ILE B 452 -6.19 25.94 -16.65
C ILE B 452 -5.59 24.69 -17.32
N PHE B 453 -4.39 24.27 -16.90
CA PHE B 453 -3.50 23.33 -17.64
C PHE B 453 -4.27 22.12 -18.14
N PRO B 454 -5.24 21.55 -17.39
CA PRO B 454 -6.02 20.41 -17.91
C PRO B 454 -6.79 20.80 -19.18
N GLY B 455 -7.71 21.76 -19.08
CA GLY B 455 -8.54 22.24 -20.21
C GLY B 455 -7.69 22.62 -21.41
N VAL B 456 -6.64 23.40 -21.18
CA VAL B 456 -5.70 23.85 -22.24
C VAL B 456 -5.08 22.63 -22.92
N ALA B 457 -4.48 21.74 -22.11
CA ALA B 457 -3.76 20.52 -22.55
C ALA B 457 -4.66 19.69 -23.47
N LEU B 458 -5.89 19.40 -23.04
CA LEU B 458 -6.86 18.54 -23.78
C LEU B 458 -7.11 19.15 -25.17
N ALA B 459 -7.38 20.45 -25.22
CA ALA B 459 -7.65 21.20 -26.46
C ALA B 459 -6.46 21.09 -27.40
N VAL B 460 -5.26 21.44 -26.91
CA VAL B 460 -3.97 21.42 -27.68
C VAL B 460 -3.75 20.01 -28.25
N ILE B 461 -4.10 18.97 -27.49
CA ILE B 461 -3.92 17.55 -27.91
C ILE B 461 -4.94 17.24 -29.01
N LEU B 462 -6.24 17.33 -28.70
CA LEU B 462 -7.37 16.96 -29.60
C LEU B 462 -7.34 17.78 -30.92
N CYS B 463 -6.67 18.93 -30.94
CA CYS B 463 -6.57 19.83 -32.13
C CYS B 463 -5.29 19.58 -32.91
N ASN B 464 -4.41 18.72 -32.39
CA ASN B 464 -3.07 18.43 -32.97
C ASN B 464 -2.35 19.76 -33.22
N THR B 465 -2.38 20.66 -32.23
CA THR B 465 -1.74 22.00 -32.28
C THR B 465 -0.24 21.83 -32.07
N TRP B 466 0.57 22.69 -32.69
CA TRP B 466 2.05 22.51 -32.79
C TRP B 466 2.78 23.52 -31.89
N HIS B 467 2.18 24.70 -31.68
CA HIS B 467 2.76 25.79 -30.84
C HIS B 467 1.63 26.50 -30.10
N ILE B 468 1.93 27.02 -28.91
CA ILE B 468 0.96 27.63 -27.95
C ILE B 468 1.41 29.07 -27.69
N SER B 469 0.71 30.05 -28.28
CA SER B 469 0.95 31.50 -28.06
C SER B 469 0.41 31.90 -26.68
N ASP B 470 0.83 33.07 -26.17
CA ASP B 470 0.31 33.64 -24.90
C ASP B 470 -1.21 33.79 -24.99
N SER B 471 -1.73 34.08 -26.19
CA SER B 471 -3.17 34.40 -26.45
C SER B 471 -4.08 33.18 -26.24
N VAL B 472 -3.52 31.97 -26.22
CA VAL B 472 -4.29 30.72 -25.88
C VAL B 472 -4.64 30.76 -24.39
N PHE B 473 -3.72 31.29 -23.57
CA PHE B 473 -3.88 31.43 -22.09
C PHE B 473 -4.84 32.59 -21.77
N LEU B 474 -4.94 33.58 -22.66
CA LEU B 474 -5.95 34.67 -22.58
C LEU B 474 -7.36 34.07 -22.69
N GLU B 475 -7.56 33.16 -23.65
CA GLU B 475 -8.88 32.56 -23.97
C GLU B 475 -9.32 31.65 -22.83
N ALA B 476 -8.37 30.88 -22.27
CA ALA B 476 -8.61 29.99 -21.11
C ALA B 476 -8.99 30.84 -19.91
N ALA B 477 -8.26 31.94 -19.70
CA ALA B 477 -8.54 32.95 -18.64
C ALA B 477 -9.99 33.44 -18.78
N LYS B 478 -10.40 33.77 -20.01
CA LYS B 478 -11.77 34.25 -20.33
C LYS B 478 -12.80 33.12 -20.12
N ALA B 479 -12.49 31.91 -20.58
CA ALA B 479 -13.40 30.73 -20.54
C ALA B 479 -13.59 30.22 -19.10
N LEU B 480 -12.60 30.42 -18.22
CA LEU B 480 -12.68 30.00 -16.79
C LEU B 480 -13.68 30.90 -16.06
N THR B 481 -13.47 32.22 -16.12
CA THR B 481 -14.33 33.26 -15.50
C THR B 481 -15.73 33.26 -16.12
N SER B 482 -15.87 32.81 -17.38
CA SER B 482 -17.16 32.76 -18.13
C SER B 482 -18.05 31.61 -17.62
N GLN B 483 -17.60 30.87 -16.61
CA GLN B 483 -18.33 29.75 -15.98
C GLN B 483 -18.83 30.16 -14.58
N LEU B 484 -18.16 31.14 -13.98
CA LEU B 484 -18.47 31.64 -12.61
C LEU B 484 -19.88 32.22 -12.60
N THR B 485 -20.79 31.61 -11.83
CA THR B 485 -22.21 32.04 -11.70
C THR B 485 -22.29 33.19 -10.69
N ASP B 486 -23.45 33.85 -10.60
CA ASP B 486 -23.67 35.06 -9.75
C ASP B 486 -23.76 34.63 -8.27
N GLU B 487 -24.35 33.47 -7.98
CA GLU B 487 -24.45 32.88 -6.62
C GLU B 487 -23.04 32.62 -6.07
N GLU B 488 -22.19 31.98 -6.88
CA GLU B 488 -20.81 31.56 -6.52
C GLU B 488 -19.96 32.80 -6.22
N LEU B 489 -20.17 33.91 -6.95
CA LEU B 489 -19.43 35.18 -6.77
C LEU B 489 -20.02 35.99 -5.59
N ALA B 490 -21.31 35.83 -5.31
CA ALA B 490 -22.01 36.45 -4.15
C ALA B 490 -21.42 35.92 -2.83
N GLN B 491 -20.85 34.71 -2.85
CA GLN B 491 -20.21 34.05 -1.68
C GLN B 491 -18.72 34.44 -1.56
N GLY B 492 -18.16 35.07 -2.60
CA GLY B 492 -16.79 35.61 -2.61
C GLY B 492 -15.81 34.75 -3.40
N ARG B 493 -16.31 33.78 -4.18
CA ARG B 493 -15.49 32.90 -5.06
C ARG B 493 -15.16 33.65 -6.36
N LEU B 494 -13.87 33.82 -6.66
CA LEU B 494 -13.38 34.41 -7.94
C LEU B 494 -13.15 33.32 -8.99
N TYR B 495 -13.55 32.08 -8.67
CA TYR B 495 -13.44 30.87 -9.54
C TYR B 495 -14.62 29.95 -9.25
N PRO B 496 -15.07 29.13 -10.23
CA PRO B 496 -16.12 28.15 -9.97
C PRO B 496 -15.69 27.13 -8.92
N PRO B 497 -16.64 26.45 -8.25
CA PRO B 497 -16.29 25.53 -7.17
C PRO B 497 -15.40 24.40 -7.69
N LEU B 498 -14.44 23.97 -6.87
CA LEU B 498 -13.44 22.94 -7.21
C LEU B 498 -14.14 21.61 -7.52
N ALA B 499 -15.37 21.44 -7.00
CA ALA B 499 -16.19 20.22 -7.15
C ALA B 499 -16.62 20.03 -8.61
N ASN B 500 -16.66 21.11 -9.40
CA ASN B 500 -17.16 21.09 -10.81
C ASN B 500 -15.99 21.28 -11.78
N ILE B 501 -14.75 21.11 -11.33
CA ILE B 501 -13.52 21.38 -12.15
C ILE B 501 -13.49 20.46 -13.38
N GLN B 502 -14.10 19.27 -13.33
CA GLN B 502 -14.26 18.39 -14.52
C GLN B 502 -14.98 19.21 -15.60
N GLU B 503 -16.24 19.55 -15.32
CA GLU B 503 -17.16 20.31 -16.19
C GLU B 503 -16.47 21.61 -16.66
N VAL B 504 -15.83 22.32 -15.74
CA VAL B 504 -15.14 23.62 -16.03
C VAL B 504 -14.02 23.35 -17.04
N SER B 505 -13.15 22.37 -16.79
CA SER B 505 -11.96 22.05 -17.63
C SER B 505 -12.39 21.62 -19.04
N ILE B 506 -13.50 20.88 -19.15
CA ILE B 506 -14.07 20.44 -20.47
C ILE B 506 -14.53 21.69 -21.24
N ASN B 507 -15.31 22.56 -20.60
CA ASN B 507 -15.87 23.78 -21.23
C ASN B 507 -14.71 24.68 -21.66
N ILE B 508 -13.61 24.71 -20.90
CA ILE B 508 -12.39 25.52 -21.22
C ILE B 508 -11.73 24.94 -22.49
N ALA B 509 -11.64 23.61 -22.58
CA ALA B 509 -11.02 22.89 -23.71
C ALA B 509 -11.80 23.18 -24.99
N ILE B 510 -13.13 23.05 -24.92
CA ILE B 510 -14.10 23.37 -26.02
C ILE B 510 -13.81 24.77 -26.57
N LYS B 511 -13.77 25.79 -25.69
CA LYS B 511 -13.58 27.22 -26.06
C LYS B 511 -12.19 27.41 -26.67
N VAL B 512 -11.17 26.78 -26.09
CA VAL B 512 -9.76 26.89 -26.57
C VAL B 512 -9.63 26.11 -27.89
N THR B 513 -10.39 25.03 -28.06
CA THR B 513 -10.52 24.28 -29.34
C THR B 513 -11.02 25.25 -30.41
N GLU B 514 -12.20 25.85 -30.18
CA GLU B 514 -12.86 26.81 -31.11
C GLU B 514 -11.88 27.92 -31.51
N TYR B 515 -11.14 28.46 -30.54
CA TYR B 515 -10.14 29.54 -30.76
C TYR B 515 -9.02 29.04 -31.68
N LEU B 516 -8.46 27.85 -31.40
CA LEU B 516 -7.29 27.26 -32.11
C LEU B 516 -7.63 27.00 -33.58
N TYR B 517 -8.86 26.57 -33.84
CA TYR B 517 -9.39 26.31 -35.20
C TYR B 517 -9.58 27.63 -35.96
N ALA B 518 -10.25 28.60 -35.32
CA ALA B 518 -10.57 29.93 -35.89
C ALA B 518 -9.29 30.73 -36.19
N ASN B 519 -8.15 30.37 -35.60
CA ASN B 519 -6.87 31.13 -35.71
C ASN B 519 -5.79 30.28 -36.40
N LYS B 520 -6.19 29.26 -37.18
CA LYS B 520 -5.27 28.42 -37.99
C LYS B 520 -4.12 27.91 -37.10
N MET B 521 -4.47 27.30 -35.97
CA MET B 521 -3.52 26.71 -34.99
C MET B 521 -3.85 25.23 -34.78
N ALA B 522 -5.04 24.80 -35.17
CA ALA B 522 -5.49 23.38 -35.19
C ALA B 522 -5.08 22.73 -36.51
N PHE B 523 -4.36 21.61 -36.45
CA PHE B 523 -3.94 20.79 -37.63
C PHE B 523 -4.55 19.40 -37.50
N ARG B 524 -5.75 19.29 -36.93
CA ARG B 524 -6.57 18.04 -36.93
C ARG B 524 -7.63 18.18 -38.03
N TYR B 525 -7.27 17.79 -39.25
CA TYR B 525 -8.19 17.73 -40.43
C TYR B 525 -8.95 16.41 -40.32
N PRO B 526 -10.30 16.36 -40.46
CA PRO B 526 -11.13 17.54 -40.72
C PRO B 526 -11.53 18.34 -39.48
N GLU B 527 -11.78 19.65 -39.66
CA GLU B 527 -12.33 20.57 -38.63
C GLU B 527 -13.72 20.08 -38.24
N PRO B 528 -13.99 19.76 -36.96
CA PRO B 528 -15.30 19.26 -36.55
C PRO B 528 -16.35 20.40 -36.48
N GLU B 529 -17.62 20.04 -36.74
CA GLU B 529 -18.77 21.00 -36.71
C GLU B 529 -19.06 21.35 -35.25
N ASP B 530 -19.58 20.38 -34.49
CA ASP B 530 -19.96 20.51 -33.06
C ASP B 530 -18.71 20.28 -32.21
N LYS B 531 -18.03 21.36 -31.79
CA LYS B 531 -16.75 21.32 -31.03
C LYS B 531 -17.01 20.79 -29.62
N ALA B 532 -18.16 21.17 -29.03
CA ALA B 532 -18.67 20.67 -27.73
C ALA B 532 -18.74 19.14 -27.76
N LYS B 533 -19.51 18.55 -28.67
CA LYS B 533 -19.72 17.09 -28.75
C LYS B 533 -18.41 16.39 -29.14
N TYR B 534 -17.60 17.02 -30.00
CA TYR B 534 -16.27 16.54 -30.44
C TYR B 534 -15.41 16.20 -29.21
N VAL B 535 -15.19 17.20 -28.35
CA VAL B 535 -14.35 17.09 -27.12
C VAL B 535 -15.01 16.13 -26.11
N LYS B 536 -16.33 16.24 -25.93
CA LYS B 536 -17.08 15.51 -24.87
C LYS B 536 -17.11 14.01 -25.16
N GLU B 537 -17.14 13.58 -26.43
CA GLU B 537 -17.21 12.14 -26.79
C GLU B 537 -15.79 11.54 -26.85
N ARG B 538 -14.75 12.35 -26.66
CA ARG B 538 -13.32 11.93 -26.69
C ARG B 538 -12.69 11.91 -25.29
N THR B 539 -13.47 12.16 -24.23
CA THR B 539 -12.98 12.12 -22.82
C THR B 539 -12.81 10.67 -22.39
N TRP B 540 -11.72 10.37 -21.70
CA TRP B 540 -11.48 9.05 -21.06
C TRP B 540 -12.43 8.91 -19.87
N ARG B 541 -13.01 7.73 -19.67
CA ARG B 541 -13.97 7.44 -18.56
C ARG B 541 -13.37 6.38 -17.62
N SER B 542 -13.65 6.53 -16.32
CA SER B 542 -13.19 5.64 -15.21
C SER B 542 -14.03 4.35 -15.15
N GLU B 543 -15.16 4.31 -15.86
CA GLU B 543 -15.98 3.08 -16.04
C GLU B 543 -15.08 1.98 -16.60
N TYR B 544 -15.13 0.78 -16.02
CA TYR B 544 -14.42 -0.41 -16.55
C TYR B 544 -14.94 -0.70 -17.95
N ASP B 545 -14.02 -1.08 -18.85
CA ASP B 545 -14.36 -1.59 -20.21
C ASP B 545 -14.59 -3.10 -20.12
N SER B 546 -15.23 -3.68 -21.12
CA SER B 546 -15.32 -5.15 -21.32
C SER B 546 -14.00 -5.64 -21.93
N LEU B 547 -13.48 -6.76 -21.41
CA LEU B 547 -12.23 -7.41 -21.94
C LEU B 547 -12.56 -8.76 -22.58
N LEU B 548 -13.85 -9.04 -22.82
CA LEU B 548 -14.31 -10.32 -23.45
C LEU B 548 -14.01 -10.25 -24.95
N PRO B 549 -13.43 -11.32 -25.55
CA PRO B 549 -13.29 -11.38 -27.00
C PRO B 549 -14.68 -11.42 -27.64
N ASP B 550 -14.77 -11.05 -28.92
CA ASP B 550 -16.04 -11.04 -29.70
C ASP B 550 -16.28 -12.46 -30.24
N VAL B 551 -17.09 -13.25 -29.54
CA VAL B 551 -17.58 -14.61 -29.96
C VAL B 551 -18.97 -14.43 -30.57
N TYR B 552 -19.28 -15.11 -31.69
CA TYR B 552 -20.53 -14.84 -32.46
C TYR B 552 -20.81 -15.90 -33.54
N GLU B 553 -22.11 -16.14 -33.75
CA GLU B 553 -22.82 -16.51 -35.02
C GLU B 553 -22.05 -17.55 -35.86
N TRP B 554 -21.88 -17.28 -37.15
CA TRP B 554 -21.53 -18.24 -38.23
C TRP B 554 -22.60 -19.34 -38.30
PA NAD C . -12.57 -27.40 18.02
O1A NAD C . -13.76 -26.77 17.32
O2A NAD C . -11.99 -28.69 17.49
O5B NAD C . -13.00 -27.68 19.53
C5B NAD C . -13.10 -26.72 20.57
C4B NAD C . -13.32 -27.51 21.86
O4B NAD C . -13.48 -26.62 22.98
C3B NAD C . -14.58 -28.36 21.80
O3B NAD C . -14.38 -29.58 22.53
C2B NAD C . -15.61 -27.49 22.50
O2B NAD C . -16.73 -28.23 22.99
C1B NAD C . -14.75 -26.87 23.59
N9A NAD C . -15.34 -25.66 24.18
C8A NAD C . -15.90 -24.63 23.54
N7A NAD C . -16.35 -23.70 24.43
C5A NAD C . -16.09 -24.17 25.67
C6A NAD C . -16.30 -23.71 27.06
N6A NAD C . -16.90 -22.53 27.31
N1A NAD C . -15.86 -24.51 28.08
C2A NAD C . -15.26 -25.69 27.85
N3A NAD C . -15.04 -26.16 26.61
C4A NAD C . -15.42 -25.46 25.49
O3 NAD C . -11.41 -26.29 18.14
PN NAD C . -9.85 -26.68 18.08
O1N NAD C . -9.49 -26.88 16.63
O2N NAD C . -9.55 -27.76 19.09
O5D NAD C . -9.17 -25.32 18.60
C5D NAD C . -9.75 -24.60 19.70
C4D NAD C . -8.87 -23.44 20.12
O4D NAD C . -7.50 -23.84 20.16
C3D NAD C . -8.95 -22.29 19.12
O3D NAD C . -8.91 -21.04 19.81
C2D NAD C . -7.69 -22.41 18.30
O2D NAD C . -7.24 -21.14 17.79
C1D NAD C . -6.72 -23.01 19.30
N1N NAD C . -5.61 -23.71 18.61
C2N NAD C . -4.36 -23.37 18.95
C3N NAD C . -3.24 -23.95 18.34
C7N NAD C . -1.83 -23.57 18.75
O7N NAD C . -0.88 -24.02 18.13
N7N NAD C . -1.62 -22.79 19.83
C4N NAD C . -3.46 -24.92 17.37
C5N NAD C . -4.77 -25.27 17.03
C6N NAD C . -5.84 -24.64 17.68
MG MG D . -5.09 -22.84 12.60
PA NAD E . 16.38 -32.27 -4.78
O1A NAD E . 16.65 -33.76 -4.70
O2A NAD E . 17.51 -31.29 -4.54
O5B NAD E . 15.23 -31.85 -3.75
C5B NAD E . 14.20 -32.74 -3.31
C4B NAD E . 12.83 -32.13 -3.52
O4B NAD E . 12.67 -30.95 -2.73
C3B NAD E . 12.62 -31.70 -4.96
O3B NAD E . 11.27 -31.99 -5.34
C2B NAD E . 12.88 -30.20 -4.97
O2B NAD E . 12.11 -29.50 -5.95
C1B NAD E . 12.42 -29.81 -3.58
N9A NAD E . 13.11 -28.63 -3.00
C8A NAD E . 14.43 -28.45 -2.83
N7A NAD E . 14.67 -27.25 -2.23
C5A NAD E . 13.48 -26.65 -2.00
C6A NAD E . 12.98 -25.38 -1.39
N6A NAD E . 13.83 -24.45 -0.89
N1A NAD E . 11.65 -25.16 -1.36
C2A NAD E . 10.77 -26.05 -1.83
N3A NAD E . 11.15 -27.22 -2.40
C4A NAD E . 12.46 -27.57 -2.50
O3 NAD E . 15.69 -32.02 -6.21
PN NAD E . 16.48 -31.52 -7.53
O1N NAD E . 15.46 -31.48 -8.65
O2N NAD E . 17.73 -32.36 -7.67
O5D NAD E . 16.85 -29.99 -7.16
C5D NAD E . 18.19 -29.50 -6.98
C4D NAD E . 18.15 -28.18 -6.20
O4D NAD E . 19.01 -28.23 -5.05
C3D NAD E . 18.60 -26.98 -7.04
O3D NAD E . 17.52 -26.05 -7.21
C2D NAD E . 19.78 -26.37 -6.31
O2D NAD E . 19.61 -24.97 -6.10
C1D NAD E . 19.90 -27.11 -4.98
N1N NAD E . 21.30 -27.47 -4.69
C2N NAD E . 22.13 -26.53 -4.17
C3N NAD E . 23.47 -26.81 -3.88
C7N NAD E . 24.37 -25.74 -3.30
O7N NAD E . 23.89 -24.87 -2.60
N7N NAD E . 25.69 -25.75 -3.53
C4N NAD E . 23.96 -28.09 -4.13
C5N NAD E . 23.09 -29.05 -4.66
C6N NAD E . 21.77 -28.72 -4.94
OXT FUM F . 12.11 0.13 -0.61
C FUM F . 11.67 -0.41 -1.66
O FUM F . 12.33 -0.52 -2.73
C4 FUM F . 10.28 -0.90 -1.69
C5 FUM F . 9.45 -0.70 -0.67
C6 FUM F . 8.05 -1.17 -0.72
O7 FUM F . 7.63 -1.75 -1.75
O8 FUM F . 7.32 -0.97 0.26
C1 TTN G . -2.63 -20.80 14.37
C2 TTN G . -3.22 -22.09 14.85
C3 TTN G . -4.64 -21.94 15.34
O1 TTN G . -1.91 -20.12 15.15
O2 TTN G . -2.87 -20.43 13.20
O3 TTN G . -3.19 -23.04 13.80
O4 TTN G . -5.55 -22.43 14.64
O5 TTN G . -4.88 -21.32 16.39
PA NAD H . 10.67 32.31 -8.64
O1A NAD H . 12.01 31.91 -8.06
O2A NAD H . 10.52 32.40 -10.13
O5B NAD H . 10.27 33.74 -8.01
C5B NAD H . 10.47 34.12 -6.67
C4B NAD H . 10.43 35.65 -6.61
O4B NAD H . 10.00 36.08 -5.31
C3B NAD H . 11.81 36.24 -6.84
O3B NAD H . 11.75 37.47 -7.60
C2B NAD H . 12.30 36.48 -5.43
O2B NAD H . 13.35 37.46 -5.38
C1B NAD H . 11.02 36.89 -4.72
N9A NAD H . 11.11 36.77 -3.24
C8A NAD H . 11.52 35.68 -2.55
N7A NAD H . 11.51 35.94 -1.21
C5A NAD H . 11.09 37.20 -1.04
C6A NAD H . 10.84 38.10 0.11
N6A NAD H . 11.04 37.67 1.38
N1A NAD H . 10.39 39.34 -0.14
C2A NAD H . 10.18 39.79 -1.39
N3A NAD H . 10.38 39.02 -2.47
C4A NAD H . 10.83 37.74 -2.37
O3 NAD H . 9.43 31.45 -8.06
PN NAD H . 7.99 31.47 -8.81
O1N NAD H . 8.01 30.34 -9.82
O2N NAD H . 7.68 32.88 -9.27
O5D NAD H . 6.92 31.08 -7.68
C5D NAD H . 7.05 31.58 -6.35
C4D NAD H . 5.82 31.15 -5.56
O4D NAD H . 4.66 31.19 -6.40
C3D NAD H . 5.94 29.71 -5.06
O3D NAD H . 5.35 29.58 -3.76
C2D NAD H . 5.13 28.93 -6.06
O2D NAD H . 4.67 27.68 -5.53
C1D NAD H . 4.00 29.92 -6.35
N1N NAD H . 3.26 29.59 -7.57
C2N NAD H . 1.92 29.47 -7.46
C3N NAD H . 1.14 29.14 -8.56
C7N NAD H . -0.36 29.00 -8.42
O7N NAD H . -1.00 28.50 -9.35
N7N NAD H . -0.98 29.44 -7.33
C4N NAD H . 1.75 28.93 -9.78
C5N NAD H . 3.12 29.08 -9.88
C6N NAD H . 3.86 29.40 -8.75
MG MG I . 4.24 24.38 -10.35
PA NAD J . -9.11 12.39 -32.94
O1A NAD J . -8.42 12.59 -34.27
O2A NAD J . -10.39 13.14 -32.68
O5B NAD J . -8.07 12.79 -31.79
C5B NAD J . -7.24 13.94 -31.92
C4B NAD J . -5.90 13.72 -31.22
O4B NAD J . -6.06 13.68 -29.80
C3B NAD J . -5.28 12.40 -31.62
O3B NAD J . -3.87 12.58 -31.71
C2B NAD J . -5.63 11.44 -30.49
O2B NAD J . -4.62 10.46 -30.27
C1B NAD J . -5.79 12.36 -29.28
N9A NAD J . -6.87 11.96 -28.34
C8A NAD J . -8.16 11.62 -28.58
N7A NAD J . -8.82 11.33 -27.42
C5A NAD J . -7.95 11.53 -26.41
C6A NAD J . -7.97 11.42 -24.94
N6A NAD J . -9.06 11.05 -24.25
N1A NAD J . -6.83 11.69 -24.27
C2A NAD J . -5.69 12.07 -24.89
N3A NAD J . -5.61 12.18 -26.23
C4A NAD J . -6.68 11.94 -27.02
O3 NAD J . -9.40 10.83 -32.70
PN NAD J . -8.40 9.79 -33.39
O1N NAD J . -7.25 9.60 -32.43
O2N NAD J . -8.14 10.30 -34.80
O5D NAD J . -9.15 8.35 -33.53
C5D NAD J . -8.65 7.36 -34.43
C4D NAD J . -7.18 7.61 -34.77
O4D NAD J . -6.27 6.63 -34.26
C3D NAD J . -6.83 7.70 -36.25
O3D NAD J . -7.07 9.01 -36.79
C2D NAD J . -5.35 7.32 -36.30
O2D NAD J . -4.51 8.36 -36.81
C1D NAD J . -5.02 7.06 -34.84
N1N NAD J . -3.95 6.10 -34.56
C2N NAD J . -2.90 6.58 -33.89
C3N NAD J . -1.83 5.78 -33.55
C7N NAD J . -0.70 6.43 -32.80
O7N NAD J . 0.45 6.26 -33.16
N7N NAD J . -0.99 7.19 -31.74
C4N NAD J . -1.85 4.43 -33.92
C5N NAD J . -2.96 3.95 -34.63
C6N NAD J . -4.00 4.81 -34.93
OXT FUM K . -6.95 -0.54 -2.54
C FUM K . -7.19 -1.13 -3.62
O FUM K . -6.33 -1.24 -4.53
C4 FUM K . -8.54 -1.73 -3.78
C5 FUM K . -8.90 -2.41 -4.86
C6 FUM K . -10.24 -3.02 -4.95
O7 FUM K . -10.48 -3.78 -5.91
O8 FUM K . -11.10 -2.81 -4.05
C1 TTN L . 1.33 24.21 -8.21
C2 TTN L . 2.01 25.39 -8.85
C3 TTN L . 3.16 25.84 -8.00
O1 TTN L . 1.74 23.05 -8.46
O2 TTN L . 0.37 24.43 -7.45
O3 TTN L . 2.47 25.03 -10.17
O4 TTN L . 4.33 25.63 -8.35
O5 TTN L . 2.89 26.45 -6.94
#